data_9FWF
#
_entry.id   9FWF
#
_entity_poly.entity_id   1
_entity_poly.type   'polypeptide(L)'
_entity_poly.pdbx_seq_one_letter_code
;MASAATGVRAVPGNENSLEIEELARFAVDEHNKKENALLEFVRVVKAKEQIIIHENDADTMYYLTLEAKDGGKKKLYEAK
VWVKGIMDGLNKYNFKELQEFKPVGDAGGRMDIDPYKEFGATVELLSFLPSDFFPSVRDLLDTASALYREALESPEHCSP
HHTALRQAILAWGELMTLATWVGNNLEFAGASDPASRDLVVNYVNTNMGLKIRQLLWFHISCLTFGRETVLEYLVSFGVW
IRTPPAYRPPNAPILSTLPETTVVRRRDRGRSPRRRTPSPRRRRSQSPRRRRSQSRESQC
;
_entity_poly.pdbx_strand_id   A,B,C,D
#
# COMPACT_ATOMS: atom_id res chain seq x y z
N ASN A 14 -2.51 -0.06 -34.95
CA ASN A 14 -2.22 1.37 -34.97
C ASN A 14 -2.01 1.92 -33.56
N GLU A 15 -1.99 3.25 -33.44
CA GLU A 15 -1.70 3.91 -32.17
C GLU A 15 -2.76 4.93 -31.78
N ASN A 16 -3.29 5.68 -32.74
CA ASN A 16 -4.16 6.82 -32.45
C ASN A 16 -5.59 6.63 -32.92
N SER A 17 -5.99 5.41 -33.29
CA SER A 17 -7.33 5.19 -33.79
C SER A 17 -8.31 4.95 -32.64
N LEU A 18 -9.54 4.57 -33.00
CA LEU A 18 -10.63 4.48 -32.03
C LEU A 18 -10.62 3.17 -31.25
N GLU A 19 -10.00 2.12 -31.80
CA GLU A 19 -10.10 0.80 -31.18
C GLU A 19 -9.33 0.73 -29.88
N ILE A 20 -8.15 1.36 -29.82
CA ILE A 20 -7.40 1.37 -28.57
C ILE A 20 -8.01 2.36 -27.58
N GLU A 21 -8.76 3.35 -28.05
CA GLU A 21 -9.45 4.25 -27.14
C GLU A 21 -10.63 3.54 -26.47
N GLU A 22 -11.41 2.79 -27.25
CA GLU A 22 -12.49 1.98 -26.68
C GLU A 22 -11.92 0.88 -25.79
N LEU A 23 -10.77 0.32 -26.17
CA LEU A 23 -10.12 -0.71 -25.38
C LEU A 23 -9.62 -0.15 -24.05
N ALA A 24 -9.09 1.07 -24.04
CA ALA A 24 -8.62 1.70 -22.81
C ALA A 24 -9.78 2.15 -21.93
N ARG A 25 -10.88 2.61 -22.53
CA ARG A 25 -12.05 2.95 -21.73
C ARG A 25 -12.69 1.70 -21.13
N PHE A 26 -12.68 0.60 -21.88
CA PHE A 26 -13.15 -0.68 -21.33
C PHE A 26 -12.24 -1.15 -20.20
N ALA A 27 -10.94 -0.94 -20.34
CA ALA A 27 -10.01 -1.31 -19.28
C ALA A 27 -10.20 -0.45 -18.04
N VAL A 28 -10.51 0.84 -18.22
CA VAL A 28 -10.69 1.68 -17.04
C VAL A 28 -12.04 1.41 -16.37
N ASP A 29 -13.08 1.02 -17.13
CA ASP A 29 -14.29 0.64 -16.41
C ASP A 29 -14.18 -0.75 -15.79
N GLU A 30 -13.35 -1.64 -16.37
CA GLU A 30 -13.05 -2.90 -15.69
C GLU A 30 -12.28 -2.67 -14.40
N HIS A 31 -11.39 -1.67 -14.39
CA HIS A 31 -10.75 -1.26 -13.15
C HIS A 31 -11.75 -0.69 -12.15
N ASN A 32 -12.74 0.06 -12.64
CA ASN A 32 -13.81 0.53 -11.77
C ASN A 32 -14.75 -0.58 -11.30
N LYS A 33 -14.75 -1.73 -11.99
CA LYS A 33 -15.47 -2.89 -11.47
C LYS A 33 -14.66 -3.65 -10.42
N LYS A 34 -13.34 -3.77 -10.60
CA LYS A 34 -12.58 -4.61 -9.67
C LYS A 34 -12.08 -3.85 -8.44
N GLU A 35 -11.65 -2.59 -8.57
CA GLU A 35 -11.14 -1.84 -7.45
C GLU A 35 -12.07 -0.72 -7.00
N ASN A 36 -13.09 -0.39 -7.80
CA ASN A 36 -14.25 0.42 -7.39
C ASN A 36 -13.85 1.85 -6.97
N ALA A 37 -13.27 2.59 -7.90
CA ALA A 37 -12.80 3.95 -7.67
C ALA A 37 -13.25 4.86 -8.79
N LEU A 38 -12.71 6.07 -8.83
CA LEU A 38 -13.02 7.07 -9.85
C LEU A 38 -11.71 7.39 -10.60
N LEU A 39 -11.38 6.56 -11.57
CA LEU A 39 -10.22 6.77 -12.44
C LEU A 39 -10.72 7.22 -13.80
N GLU A 40 -10.27 8.39 -14.23
CA GLU A 40 -10.80 9.03 -15.45
C GLU A 40 -9.74 8.95 -16.53
N PHE A 41 -9.97 8.09 -17.52
CA PHE A 41 -9.03 7.92 -18.63
C PHE A 41 -9.08 9.14 -19.54
N VAL A 42 -7.90 9.64 -19.93
CA VAL A 42 -7.78 10.82 -20.78
C VAL A 42 -7.10 10.50 -22.11
N ARG A 43 -5.96 9.79 -22.05
CA ARG A 43 -5.17 9.60 -23.25
C ARG A 43 -4.28 8.37 -23.10
N VAL A 44 -4.09 7.67 -24.21
CA VAL A 44 -3.16 6.54 -24.26
C VAL A 44 -1.75 7.08 -24.34
N VAL A 45 -0.88 6.61 -23.43
CA VAL A 45 0.49 7.11 -23.38
C VAL A 45 1.36 6.32 -24.36
N LYS A 46 1.49 5.02 -24.14
CA LYS A 46 2.16 4.12 -25.07
C LYS A 46 1.23 2.98 -25.44
N ALA A 47 1.55 2.31 -26.54
CA ALA A 47 0.71 1.22 -27.05
C ALA A 47 1.56 0.31 -27.91
N LYS A 48 1.44 -1.00 -27.69
CA LYS A 48 2.11 -2.02 -28.49
C LYS A 48 1.06 -3.00 -28.98
N GLU A 49 1.10 -3.34 -30.26
CA GLU A 49 0.15 -4.26 -30.88
C GLU A 49 0.90 -5.52 -31.31
N GLN A 50 0.61 -6.64 -30.67
CA GLN A 50 1.30 -7.91 -30.91
C GLN A 50 0.30 -9.00 -31.26
N ILE A 51 0.56 -9.70 -32.36
CA ILE A 51 -0.25 -10.89 -32.66
C ILE A 51 0.19 -12.05 -31.78
N ILE A 52 -0.70 -13.01 -31.62
CA ILE A 52 -0.37 -14.26 -30.95
C ILE A 52 -0.52 -15.40 -31.94
N ASP A 59 -6.58 -13.91 -31.88
CA ASP A 59 -5.71 -13.73 -30.73
C ASP A 59 -4.65 -12.65 -31.00
N THR A 60 -4.76 -11.55 -30.26
CA THR A 60 -3.89 -10.40 -30.45
C THR A 60 -3.61 -9.76 -29.09
N MET A 61 -2.34 -9.65 -28.74
CA MET A 61 -1.90 -9.14 -27.45
C MET A 61 -1.61 -7.65 -27.54
N TYR A 62 -1.85 -6.94 -26.44
CA TYR A 62 -1.64 -5.50 -26.38
C TYR A 62 -0.92 -5.14 -25.09
N TYR A 63 0.07 -4.25 -25.20
CA TYR A 63 0.76 -3.67 -24.05
C TYR A 63 0.30 -2.21 -23.98
N LEU A 64 -0.82 -1.97 -23.30
CA LEU A 64 -1.51 -0.68 -23.33
C LEU A 64 -1.09 0.15 -22.13
N THR A 65 -0.31 1.21 -22.39
CA THR A 65 0.00 2.20 -21.37
C THR A 65 -1.00 3.34 -21.50
N LEU A 66 -2.02 3.33 -20.64
CA LEU A 66 -3.03 4.36 -20.63
C LEU A 66 -2.81 5.28 -19.44
N GLU A 67 -3.32 6.49 -19.52
CA GLU A 67 -3.30 7.40 -18.40
C GLU A 67 -4.72 7.53 -17.85
N ALA A 68 -4.88 7.22 -16.58
CA ALA A 68 -6.17 7.32 -15.90
C ALA A 68 -6.06 8.38 -14.83
N LYS A 69 -6.62 9.55 -15.09
CA LYS A 69 -6.60 10.64 -14.12
C LYS A 69 -7.48 10.29 -12.92
N ASP A 70 -7.05 10.74 -11.74
CA ASP A 70 -7.68 10.40 -10.47
C ASP A 70 -8.11 11.67 -9.77
N GLY A 71 -9.30 12.18 -10.14
CA GLY A 71 -9.87 13.33 -9.48
C GLY A 71 -9.11 14.63 -9.61
N GLY A 72 -8.28 14.77 -10.64
CA GLY A 72 -7.46 15.94 -10.82
C GLY A 72 -5.98 15.70 -10.71
N LYS A 73 -5.56 14.56 -10.18
CA LYS A 73 -4.15 14.21 -10.14
C LYS A 73 -3.87 13.12 -11.15
N LYS A 74 -2.66 13.16 -11.73
CA LYS A 74 -2.28 12.29 -12.83
C LYS A 74 -1.23 11.31 -12.37
N LYS A 75 -1.40 10.03 -12.72
CA LYS A 75 -0.36 9.03 -12.49
C LYS A 75 -0.38 8.00 -13.61
N LEU A 76 0.81 7.54 -13.99
CA LEU A 76 0.96 6.60 -15.09
C LEU A 76 0.47 5.22 -14.67
N TYR A 77 -0.44 4.67 -15.49
CA TYR A 77 -1.06 3.38 -15.21
C TYR A 77 -0.89 2.48 -16.42
N GLU A 78 -1.39 1.25 -16.32
CA GLU A 78 -1.18 0.24 -17.35
C GLU A 78 -2.42 -0.61 -17.54
N ALA A 79 -2.60 -1.11 -18.76
CA ALA A 79 -3.68 -2.01 -19.08
C ALA A 79 -3.19 -3.10 -20.03
N LYS A 80 -3.84 -4.26 -19.96
CA LYS A 80 -3.52 -5.43 -20.78
C LYS A 80 -4.82 -6.16 -21.06
N VAL A 81 -5.44 -5.85 -22.19
CA VAL A 81 -6.72 -6.44 -22.57
C VAL A 81 -6.49 -7.23 -23.84
N TRP A 82 -6.35 -8.55 -23.69
CA TRP A 82 -6.23 -9.45 -24.82
C TRP A 82 -7.58 -9.59 -25.51
N VAL A 83 -7.62 -9.23 -26.80
CA VAL A 83 -8.87 -9.31 -27.55
C VAL A 83 -8.98 -10.69 -28.18
N GLY A 89 -13.70 -6.74 -36.69
CA GLY A 89 -14.80 -7.65 -36.43
C GLY A 89 -14.37 -8.95 -35.79
N LEU A 90 -13.39 -9.62 -36.40
CA LEU A 90 -12.89 -10.89 -35.87
C LEU A 90 -12.06 -10.68 -34.60
N ASN A 91 -11.41 -9.53 -34.46
CA ASN A 91 -10.73 -9.21 -33.22
C ASN A 91 -11.67 -8.63 -32.17
N LYS A 92 -12.87 -8.21 -32.58
CA LYS A 92 -13.82 -7.62 -31.66
C LYS A 92 -14.89 -8.62 -31.21
N TYR A 93 -15.07 -9.71 -31.94
CA TYR A 93 -15.86 -10.85 -31.44
C TYR A 93 -14.89 -11.84 -30.79
N ASN A 94 -14.46 -11.46 -29.59
CA ASN A 94 -13.51 -12.24 -28.81
C ASN A 94 -13.63 -11.83 -27.36
N PHE A 95 -13.13 -12.68 -26.48
CA PHE A 95 -13.15 -12.39 -25.04
C PHE A 95 -12.08 -11.35 -24.73
N LYS A 96 -12.50 -10.13 -24.42
CA LYS A 96 -11.59 -9.06 -24.02
C LYS A 96 -11.30 -9.19 -22.52
N GLU A 97 -10.07 -9.57 -22.18
CA GLU A 97 -9.72 -9.98 -20.82
C GLU A 97 -8.64 -9.06 -20.25
N LEU A 98 -9.00 -8.29 -19.22
CA LEU A 98 -8.04 -7.45 -18.51
C LEU A 98 -7.42 -8.24 -17.36
N GLN A 99 -6.12 -8.03 -17.13
CA GLN A 99 -5.42 -8.71 -16.05
C GLN A 99 -4.80 -7.77 -15.02
N GLU A 100 -4.51 -6.52 -15.35
CA GLU A 100 -3.83 -5.65 -14.39
C GLU A 100 -4.24 -4.20 -14.55
N PHE A 101 -4.11 -3.46 -13.46
CA PHE A 101 -4.12 -2.00 -13.44
C PHE A 101 -2.97 -1.49 -12.59
N LYS A 102 -1.77 -2.01 -12.87
CA LYS A 102 -0.60 -1.75 -12.04
C LYS A 102 -0.13 -0.30 -12.16
N PRO A 103 0.38 0.27 -11.08
CA PRO A 103 1.02 1.59 -11.17
C PRO A 103 2.46 1.46 -11.63
N VAL A 104 2.97 2.56 -12.17
CA VAL A 104 4.35 2.63 -12.65
C VAL A 104 5.09 3.55 -11.69
N GLY A 105 5.75 2.96 -10.70
CA GLY A 105 6.37 3.70 -9.63
C GLY A 105 5.86 3.28 -8.28
N ASP A 106 6.77 2.83 -7.40
CA ASP A 106 6.42 2.30 -6.09
C ASP A 106 6.41 3.38 -5.02
N ALA A 107 6.25 4.64 -5.40
CA ALA A 107 6.25 5.76 -4.45
C ALA A 107 4.84 6.09 -3.96
N GLY A 108 4.14 5.07 -3.48
CA GLY A 108 2.84 5.28 -2.85
C GLY A 108 2.96 5.35 -1.34
N GLY A 109 4.14 5.72 -0.85
CA GLY A 109 4.36 5.81 0.58
C GLY A 109 4.39 4.48 1.28
N ARG A 110 4.79 3.42 0.59
CA ARG A 110 4.72 2.07 1.14
C ARG A 110 5.76 1.83 2.21
N MET A 111 6.82 2.63 2.23
CA MET A 111 7.87 2.52 3.24
C MET A 111 8.34 3.92 3.58
N ASP A 112 8.43 4.19 4.87
CA ASP A 112 8.74 5.54 5.39
C ASP A 112 10.16 5.53 5.93
N ILE A 113 11.11 5.76 5.05
CA ILE A 113 12.51 5.82 5.43
C ILE A 113 12.83 7.25 5.82
N ASP A 114 13.55 7.41 6.93
CA ASP A 114 14.10 8.70 7.28
C ASP A 114 15.60 8.65 7.05
N PRO A 115 16.17 9.53 6.23
CA PRO A 115 17.61 9.44 5.93
C PRO A 115 18.50 9.83 7.07
N TYR A 116 17.98 10.47 8.12
CA TYR A 116 18.78 10.90 9.24
C TYR A 116 18.56 10.08 10.50
N LYS A 117 17.54 9.23 10.52
CA LYS A 117 17.12 8.57 11.75
C LYS A 117 18.17 7.60 12.28
N GLU A 118 18.95 6.97 11.39
CA GLU A 118 20.05 6.13 11.81
C GLU A 118 21.21 6.92 12.40
N PHE A 119 21.23 8.24 12.21
CA PHE A 119 22.31 9.10 12.66
C PHE A 119 21.95 9.96 13.85
N GLY A 120 20.79 9.74 14.45
CA GLY A 120 20.38 10.46 15.63
C GLY A 120 19.41 11.60 15.38
N ALA A 121 19.28 12.04 14.14
CA ALA A 121 18.44 13.19 13.82
C ALA A 121 17.10 12.74 13.29
N THR A 122 16.34 13.68 12.74
CA THR A 122 15.13 13.42 11.96
C THR A 122 14.89 14.64 11.08
N VAL A 123 13.90 14.55 10.19
CA VAL A 123 13.56 15.70 9.37
C VAL A 123 12.72 16.70 10.14
N GLU A 124 12.14 16.29 11.27
CA GLU A 124 11.58 17.26 12.20
C GLU A 124 12.69 18.14 12.76
N LEU A 125 13.86 17.56 13.00
CA LEU A 125 14.96 18.28 13.61
C LEU A 125 15.72 19.14 12.62
N LEU A 126 15.81 18.74 11.36
CA LEU A 126 16.48 19.54 10.35
C LEU A 126 15.57 20.53 9.68
N SER A 127 14.42 20.83 10.27
CA SER A 127 13.62 21.96 9.82
C SER A 127 13.69 23.12 10.80
N PHE A 128 14.39 22.95 11.92
CA PHE A 128 14.84 24.09 12.71
C PHE A 128 15.67 25.02 11.85
N LEU A 129 16.61 24.44 11.13
CA LEU A 129 17.35 25.13 10.09
C LEU A 129 16.38 25.51 8.97
N PRO A 130 16.36 26.76 8.54
CA PRO A 130 15.48 27.13 7.42
C PRO A 130 15.94 26.56 6.09
N SER A 131 15.21 26.93 5.03
CA SER A 131 15.51 26.42 3.69
C SER A 131 16.82 26.98 3.18
N ASP A 132 17.01 28.29 3.28
CA ASP A 132 18.17 28.95 2.72
C ASP A 132 19.32 29.07 3.69
N PHE A 133 19.32 28.28 4.75
CA PHE A 133 20.51 28.18 5.59
C PHE A 133 21.61 27.43 4.86
N PHE A 134 21.24 26.54 4.01
CA PHE A 134 22.21 25.56 3.55
C PHE A 134 23.09 26.15 2.46
N PRO A 135 24.39 25.85 2.49
CA PRO A 135 25.28 26.30 1.43
C PRO A 135 24.91 25.67 0.11
N SER A 136 25.43 26.25 -0.97
CA SER A 136 25.11 25.75 -2.29
C SER A 136 25.72 24.38 -2.52
N VAL A 137 25.27 23.70 -3.58
CA VAL A 137 25.72 22.34 -3.81
C VAL A 137 27.17 22.34 -4.25
N ARG A 138 27.59 23.40 -4.95
CA ARG A 138 28.99 23.59 -5.30
C ARG A 138 29.84 23.73 -4.05
N ASP A 139 29.41 24.59 -3.11
CA ASP A 139 30.18 24.86 -1.91
C ASP A 139 30.24 23.67 -0.96
N LEU A 140 29.31 22.73 -1.07
CA LEU A 140 29.39 21.52 -0.27
C LEU A 140 30.16 20.42 -0.97
N LEU A 141 30.04 20.36 -2.29
CA LEU A 141 30.78 19.35 -3.03
C LEU A 141 32.27 19.61 -3.03
N ASP A 142 32.69 20.88 -3.05
CA ASP A 142 34.14 21.09 -2.98
C ASP A 142 34.70 21.06 -1.57
N THR A 143 33.86 21.26 -0.55
CA THR A 143 34.28 20.96 0.81
C THR A 143 34.50 19.47 0.99
N ALA A 144 33.62 18.66 0.39
CA ALA A 144 33.78 17.21 0.45
C ALA A 144 34.98 16.75 -0.36
N SER A 145 35.21 17.36 -1.51
CA SER A 145 36.32 17.01 -2.36
C SER A 145 37.64 17.63 -1.91
N ALA A 146 37.59 18.57 -0.98
CA ALA A 146 38.80 19.12 -0.40
C ALA A 146 39.22 18.36 0.84
N LEU A 147 38.26 17.93 1.66
CA LEU A 147 38.58 17.38 2.96
C LEU A 147 38.51 15.87 3.04
N TYR A 148 37.72 15.21 2.20
CA TYR A 148 37.49 13.77 2.34
C TYR A 148 37.66 12.98 1.05
N ARG A 149 38.27 13.57 0.01
CA ARG A 149 38.33 12.93 -1.30
C ARG A 149 39.13 11.64 -1.29
N GLU A 150 40.10 11.53 -0.40
CA GLU A 150 40.87 10.31 -0.31
C GLU A 150 40.03 9.17 0.24
N ALA A 151 39.28 9.43 1.30
CA ALA A 151 38.47 8.39 1.92
C ALA A 151 37.10 8.25 1.29
N LEU A 152 36.64 9.23 0.51
CA LEU A 152 35.44 9.05 -0.29
C LEU A 152 35.74 8.42 -1.63
N GLU A 153 36.93 7.85 -1.81
CA GLU A 153 37.31 7.13 -3.01
C GLU A 153 38.07 5.86 -2.66
N SER A 154 37.98 5.40 -1.42
CA SER A 154 38.85 4.35 -0.94
C SER A 154 38.00 3.12 -0.60
N PRO A 155 38.50 1.94 -0.89
CA PRO A 155 37.68 0.73 -0.73
C PRO A 155 37.65 0.20 0.70
N GLU A 156 37.13 1.02 1.62
CA GLU A 156 36.75 0.52 2.92
C GLU A 156 35.65 1.41 3.46
N HIS A 157 34.98 0.94 4.51
CA HIS A 157 34.00 1.74 5.23
C HIS A 157 34.74 2.43 6.36
N CYS A 158 34.90 3.73 6.26
CA CYS A 158 35.49 4.41 7.39
C CYS A 158 34.45 4.86 8.40
N SER A 159 33.19 5.03 7.98
CA SER A 159 32.08 5.42 8.86
C SER A 159 30.76 5.18 8.15
N PRO A 160 29.62 5.23 8.85
CA PRO A 160 28.34 5.32 8.15
C PRO A 160 28.12 6.63 7.43
N HIS A 161 28.81 7.69 7.83
CA HIS A 161 28.67 8.97 7.15
C HIS A 161 29.33 8.97 5.80
N HIS A 162 30.39 8.18 5.66
CA HIS A 162 31.06 8.06 4.36
C HIS A 162 30.18 7.32 3.37
N THR A 163 29.60 6.20 3.81
CA THR A 163 28.66 5.45 3.00
C THR A 163 27.45 6.29 2.63
N ALA A 164 26.99 7.12 3.56
CA ALA A 164 25.85 7.95 3.25
C ALA A 164 26.20 9.16 2.41
N LEU A 165 27.47 9.53 2.34
CA LEU A 165 27.89 10.71 1.59
C LEU A 165 28.24 10.37 0.14
N ARG A 166 28.82 9.19 -0.09
CA ARG A 166 29.09 8.70 -1.44
C ARG A 166 27.81 8.61 -2.25
N GLN A 167 26.74 8.11 -1.64
CA GLN A 167 25.47 7.96 -2.33
C GLN A 167 24.85 9.31 -2.67
N ALA A 168 24.98 10.29 -1.78
CA ALA A 168 24.40 11.60 -2.07
C ALA A 168 25.16 12.32 -3.17
N ILE A 169 26.48 12.16 -3.21
CA ILE A 169 27.29 12.71 -4.30
C ILE A 169 26.90 12.06 -5.62
N LEU A 170 26.74 10.74 -5.64
CA LEU A 170 26.41 10.05 -6.88
C LEU A 170 24.98 10.33 -7.33
N ALA A 171 24.05 10.51 -6.39
CA ALA A 171 22.69 10.89 -6.75
C ALA A 171 22.63 12.29 -7.31
N TRP A 172 23.46 13.20 -6.80
CA TRP A 172 23.57 14.48 -7.45
C TRP A 172 24.19 14.37 -8.83
N GLY A 173 25.11 13.42 -9.02
CA GLY A 173 25.66 13.19 -10.35
C GLY A 173 24.62 12.72 -11.34
N GLU A 174 23.72 11.83 -10.90
CA GLU A 174 22.63 11.39 -11.77
C GLU A 174 21.65 12.52 -12.07
N LEU A 175 21.39 13.37 -11.07
CA LEU A 175 20.52 14.52 -11.32
C LEU A 175 21.14 15.50 -12.29
N MET A 176 22.46 15.69 -12.22
CA MET A 176 23.11 16.59 -13.16
C MET A 176 23.19 15.99 -14.56
N THR A 177 23.33 14.67 -14.68
CA THR A 177 23.32 14.12 -16.03
C THR A 177 21.91 14.10 -16.61
N LEU A 178 20.87 14.04 -15.78
CA LEU A 178 19.53 14.24 -16.30
C LEU A 178 19.29 15.68 -16.73
N ALA A 179 19.90 16.62 -16.01
CA ALA A 179 19.80 18.04 -16.38
C ALA A 179 20.47 18.30 -17.73
N THR A 180 21.69 17.79 -17.92
CA THR A 180 22.33 18.00 -19.21
C THR A 180 21.74 17.12 -20.30
N TRP A 181 21.00 16.07 -19.94
CA TRP A 181 20.28 15.33 -20.97
C TRP A 181 19.08 16.11 -21.47
N VAL A 182 18.27 16.64 -20.55
CA VAL A 182 17.08 17.36 -20.98
C VAL A 182 17.45 18.71 -21.57
N GLY A 183 18.65 19.22 -21.29
CA GLY A 183 19.13 20.37 -22.02
C GLY A 183 19.68 20.08 -23.39
N ASN A 184 19.47 18.90 -23.94
CA ASN A 184 19.95 18.54 -25.28
C ASN A 184 18.84 18.19 -26.25
N ASN A 185 17.64 17.87 -25.76
CA ASN A 185 16.55 17.50 -26.65
C ASN A 185 15.21 17.89 -26.04
N LEU A 186 14.32 18.36 -26.90
CA LEU A 186 13.03 18.86 -26.46
C LEU A 186 11.93 18.47 -27.45
N ASP A 198 14.23 23.28 -20.74
CA ASP A 198 13.34 24.41 -20.55
C ASP A 198 13.41 24.94 -19.12
N LEU A 199 12.39 24.63 -18.31
CA LEU A 199 12.38 25.02 -16.91
C LEU A 199 12.44 23.83 -15.98
N VAL A 200 12.55 22.62 -16.53
CA VAL A 200 12.76 21.45 -15.67
C VAL A 200 14.22 21.36 -15.24
N VAL A 201 15.11 22.10 -15.90
CA VAL A 201 16.51 22.10 -15.49
C VAL A 201 16.69 22.84 -14.17
N ASN A 202 15.87 23.87 -13.93
CA ASN A 202 15.91 24.55 -12.64
C ASN A 202 14.80 24.10 -11.71
N TYR A 203 14.10 23.03 -12.07
CA TYR A 203 13.32 22.34 -11.05
C TYR A 203 14.21 21.44 -10.23
N VAL A 204 15.19 20.80 -10.89
CA VAL A 204 16.11 19.90 -10.20
C VAL A 204 16.96 20.67 -9.20
N ASN A 205 17.74 21.64 -9.70
CA ASN A 205 18.72 22.38 -8.90
C ASN A 205 18.12 23.14 -7.74
N THR A 206 16.84 23.50 -7.79
CA THR A 206 16.21 24.06 -6.61
C THR A 206 15.50 22.99 -5.79
N ASN A 207 14.46 22.38 -6.35
CA ASN A 207 13.55 21.59 -5.53
C ASN A 207 14.09 20.21 -5.19
N MET A 208 14.78 19.55 -6.10
CA MET A 208 15.42 18.30 -5.76
C MET A 208 16.82 18.53 -5.22
N GLY A 209 17.40 19.70 -5.47
CA GLY A 209 18.71 20.03 -4.94
C GLY A 209 18.68 20.43 -3.49
N LEU A 210 17.51 20.83 -2.98
CA LEU A 210 17.39 21.20 -1.58
C LEU A 210 17.68 20.02 -0.65
N LYS A 211 17.10 18.86 -0.94
CA LYS A 211 17.34 17.70 -0.09
C LYS A 211 18.76 17.16 -0.24
N ILE A 212 19.36 17.36 -1.42
CA ILE A 212 20.76 17.03 -1.61
C ILE A 212 21.62 17.94 -0.76
N ARG A 213 21.28 19.23 -0.70
CA ARG A 213 22.01 20.18 0.13
C ARG A 213 21.87 19.86 1.60
N GLN A 214 20.70 19.42 2.03
CA GLN A 214 20.48 19.02 3.41
C GLN A 214 21.31 17.80 3.77
N LEU A 215 21.32 16.79 2.91
CA LEU A 215 22.09 15.58 3.15
C LEU A 215 23.58 15.85 3.15
N LEU A 216 24.03 16.67 2.19
CA LEU A 216 25.45 16.99 2.08
C LEU A 216 25.91 17.80 3.29
N TRP A 217 25.12 18.80 3.70
CA TRP A 217 25.45 19.58 4.89
C TRP A 217 25.53 18.70 6.11
N PHE A 218 24.54 17.82 6.31
CA PHE A 218 24.48 16.99 7.50
C PHE A 218 25.66 16.03 7.58
N HIS A 219 26.05 15.46 6.44
CA HIS A 219 27.10 14.45 6.51
C HIS A 219 28.49 15.05 6.53
N ILE A 220 28.72 16.13 5.78
CA ILE A 220 30.00 16.84 5.85
C ILE A 220 30.22 17.42 7.23
N SER A 221 29.18 18.01 7.82
CA SER A 221 29.30 18.60 9.14
C SER A 221 29.42 17.54 10.23
N CYS A 222 28.82 16.37 10.04
CA CYS A 222 29.02 15.32 11.03
C CYS A 222 30.39 14.69 10.93
N LEU A 223 30.99 14.67 9.74
CA LEU A 223 32.36 14.18 9.61
C LEU A 223 33.37 15.19 10.13
N THR A 224 33.09 16.48 9.97
CA THR A 224 34.03 17.50 10.38
C THR A 224 33.99 17.73 11.88
N PHE A 225 32.82 17.97 12.43
CA PHE A 225 32.69 18.46 13.79
C PHE A 225 32.24 17.41 14.78
N GLY A 226 32.01 16.19 14.34
CA GLY A 226 31.42 15.19 15.20
C GLY A 226 29.91 15.18 15.06
N ARG A 227 29.30 14.09 15.51
CA ARG A 227 27.86 13.92 15.31
C ARG A 227 27.05 14.62 16.39
N GLU A 228 27.45 14.46 17.65
CA GLU A 228 26.78 15.11 18.76
C GLU A 228 26.87 16.63 18.66
N THR A 229 27.96 17.15 18.12
CA THR A 229 28.06 18.59 17.90
C THR A 229 27.07 19.06 16.85
N VAL A 230 26.76 18.24 15.85
CA VAL A 230 25.78 18.68 14.87
C VAL A 230 24.39 18.62 15.44
N LEU A 231 24.11 17.65 16.32
CA LEU A 231 22.80 17.61 16.95
C LEU A 231 22.58 18.76 17.91
N GLU A 232 23.58 19.07 18.76
CA GLU A 232 23.50 20.26 19.60
C GLU A 232 23.47 21.55 18.79
N TYR A 233 24.10 21.57 17.62
CA TYR A 233 24.01 22.74 16.77
C TYR A 233 22.62 22.92 16.21
N LEU A 234 21.95 21.83 15.87
CA LEU A 234 20.58 21.93 15.37
C LEU A 234 19.64 22.43 16.45
N VAL A 235 19.84 21.95 17.69
CA VAL A 235 19.04 22.42 18.82
C VAL A 235 19.26 23.91 19.08
N SER A 236 20.52 24.34 19.13
CA SER A 236 20.83 25.74 19.41
C SER A 236 20.44 26.66 18.26
N PHE A 237 20.47 26.18 17.02
CA PHE A 237 19.94 26.99 15.94
C PHE A 237 18.42 27.04 15.97
N GLY A 238 17.77 26.02 16.53
CA GLY A 238 16.34 26.13 16.75
C GLY A 238 16.00 27.18 17.79
N VAL A 239 16.81 27.26 18.85
CA VAL A 239 16.65 28.30 19.87
C VAL A 239 16.92 29.67 19.27
N TRP A 240 17.88 29.77 18.35
CA TRP A 240 18.19 31.06 17.76
C TRP A 240 17.09 31.53 16.82
N ILE A 241 16.62 30.66 15.93
CA ILE A 241 15.58 31.09 14.98
C ILE A 241 14.22 31.16 15.63
N ARG A 242 14.06 30.58 16.80
CA ARG A 242 12.79 30.59 17.51
C ARG A 242 12.46 31.96 18.11
N THR A 243 13.46 32.63 18.67
CA THR A 243 13.26 33.85 19.44
C THR A 243 12.82 35.01 18.54
N PRO A 244 12.08 35.97 19.10
CA PRO A 244 11.68 37.15 18.33
C PRO A 244 12.88 38.00 17.98
N PRO A 245 12.79 38.82 16.93
CA PRO A 245 13.97 39.54 16.46
C PRO A 245 14.47 40.62 17.39
N ALA A 246 13.67 41.03 18.37
CA ALA A 246 14.12 42.05 19.32
C ALA A 246 15.19 41.50 20.25
N TYR A 247 15.15 40.21 20.57
CA TYR A 247 16.04 39.65 21.57
C TYR A 247 16.94 38.55 21.03
N ARG A 248 16.99 38.38 19.72
CA ARG A 248 18.00 37.41 19.30
C ARG A 248 19.34 38.12 19.06
N PRO A 249 20.43 37.48 19.45
CA PRO A 249 21.73 38.04 19.18
C PRO A 249 22.00 38.05 17.69
N PRO A 250 22.84 38.96 17.20
CA PRO A 250 23.02 39.07 15.76
C PRO A 250 23.91 37.99 15.18
N ASN A 251 24.83 37.47 15.99
CA ASN A 251 25.67 36.38 15.53
C ASN A 251 24.87 35.08 15.62
N ALA A 252 24.32 34.65 14.48
CA ALA A 252 23.71 33.34 14.35
C ALA A 252 24.72 32.26 14.70
N PRO A 253 24.29 31.16 15.32
CA PRO A 253 25.28 30.19 15.79
C PRO A 253 25.91 29.44 14.64
N ILE A 254 27.15 29.05 14.83
CA ILE A 254 27.96 28.51 13.76
C ILE A 254 28.78 27.36 14.31
N LEU A 255 29.14 26.44 13.43
CA LEU A 255 29.99 25.33 13.78
C LEU A 255 31.45 25.75 13.67
N SER A 256 32.24 25.36 14.67
CA SER A 256 33.65 25.68 14.70
C SER A 256 34.33 24.68 15.61
N THR A 257 35.66 24.62 15.52
CA THR A 257 36.38 23.65 16.33
C THR A 257 37.49 24.34 17.12
N LEU A 258 38.09 25.37 16.54
CA LEU A 258 39.18 26.10 17.19
C LEU A 258 38.64 26.97 18.32
N ASN B 14 20.73 44.34 -21.70
CA ASN B 14 19.46 43.64 -21.86
C ASN B 14 19.68 42.12 -21.88
N GLU B 15 18.86 41.42 -22.66
CA GLU B 15 18.94 39.97 -22.79
C GLU B 15 19.22 39.52 -24.22
N ASN B 16 18.47 40.02 -25.19
CA ASN B 16 18.64 39.64 -26.59
C ASN B 16 19.50 40.63 -27.36
N SER B 17 20.10 41.60 -26.69
CA SER B 17 20.91 42.60 -27.37
C SER B 17 22.25 42.02 -27.80
N LEU B 18 22.87 42.68 -28.78
CA LEU B 18 24.18 42.26 -29.26
C LEU B 18 25.28 42.64 -28.28
N GLU B 19 24.99 43.53 -27.33
CA GLU B 19 26.00 43.97 -26.37
C GLU B 19 26.36 42.84 -25.39
N ILE B 20 25.36 42.08 -24.94
CA ILE B 20 25.61 40.95 -24.04
C ILE B 20 26.36 39.85 -24.79
N GLU B 21 26.04 39.66 -26.07
CA GLU B 21 26.71 38.66 -26.88
C GLU B 21 28.15 39.05 -27.17
N GLU B 22 28.41 40.35 -27.33
CA GLU B 22 29.78 40.84 -27.49
C GLU B 22 30.56 40.72 -26.18
N LEU B 23 29.88 40.95 -25.05
CA LEU B 23 30.48 40.73 -23.74
C LEU B 23 30.92 39.28 -23.58
N ALA B 24 30.05 38.34 -23.95
CA ALA B 24 30.37 36.93 -23.80
C ALA B 24 31.39 36.46 -24.83
N ARG B 25 31.39 37.06 -26.03
CA ARG B 25 32.39 36.74 -27.04
C ARG B 25 33.78 37.19 -26.60
N PHE B 26 33.89 38.42 -26.11
CA PHE B 26 35.17 38.86 -25.58
C PHE B 26 35.52 38.15 -24.28
N ALA B 27 34.53 37.62 -23.56
CA ALA B 27 34.79 36.81 -22.37
C ALA B 27 35.45 35.48 -22.73
N VAL B 28 34.90 34.79 -23.74
CA VAL B 28 35.48 33.49 -24.10
C VAL B 28 36.81 33.67 -24.82
N ASP B 29 36.97 34.77 -25.59
CA ASP B 29 38.27 35.06 -26.17
C ASP B 29 39.29 35.45 -25.11
N GLU B 30 38.88 36.18 -24.06
CA GLU B 30 39.81 36.51 -22.98
C GLU B 30 40.17 35.29 -22.14
N HIS B 31 39.26 34.32 -22.02
CA HIS B 31 39.63 33.05 -21.41
C HIS B 31 40.67 32.32 -22.26
N ASN B 32 40.53 32.42 -23.60
CA ASN B 32 41.54 31.85 -24.49
C ASN B 32 42.88 32.57 -24.39
N LYS B 33 42.89 33.88 -24.11
CA LYS B 33 44.17 34.55 -23.87
C LYS B 33 44.77 34.13 -22.54
N LYS B 34 43.96 34.13 -21.48
CA LYS B 34 44.50 34.03 -20.12
C LYS B 34 44.84 32.60 -19.76
N GLU B 35 43.86 31.69 -19.76
CA GLU B 35 44.09 30.37 -19.19
C GLU B 35 44.24 29.26 -20.22
N ASN B 36 44.11 29.58 -21.51
CA ASN B 36 44.51 28.72 -22.64
C ASN B 36 43.75 27.39 -22.66
N ALA B 37 42.44 27.49 -22.89
CA ALA B 37 41.60 26.34 -23.19
C ALA B 37 40.87 26.60 -24.50
N LEU B 38 40.51 25.52 -25.19
CA LEU B 38 39.75 25.64 -26.42
C LEU B 38 38.29 25.95 -26.09
N LEU B 39 37.73 26.95 -26.77
CA LEU B 39 36.44 27.48 -26.34
C LEU B 39 35.78 28.25 -27.48
N GLU B 40 34.46 28.09 -27.61
CA GLU B 40 33.65 28.87 -28.53
C GLU B 40 32.27 29.03 -27.92
N PHE B 41 31.52 30.00 -28.44
CA PHE B 41 30.34 30.52 -27.77
C PHE B 41 29.14 30.60 -28.72
N VAL B 42 27.94 30.38 -28.17
CA VAL B 42 26.69 30.64 -28.89
C VAL B 42 25.77 31.61 -28.14
N ARG B 43 25.38 31.26 -26.90
CA ARG B 43 24.21 31.90 -26.31
C ARG B 43 24.41 32.18 -24.83
N VAL B 44 23.97 33.36 -24.40
CA VAL B 44 23.76 33.67 -22.98
C VAL B 44 22.31 33.35 -22.66
N VAL B 45 22.09 32.59 -21.59
CA VAL B 45 20.72 32.28 -21.20
C VAL B 45 20.15 33.31 -20.22
N LYS B 46 20.99 33.93 -19.39
CA LYS B 46 20.52 34.94 -18.45
C LYS B 46 21.67 35.90 -18.15
N ALA B 47 21.37 37.20 -18.11
CA ALA B 47 22.35 38.24 -17.79
C ALA B 47 21.71 39.24 -16.82
N LYS B 48 21.84 39.00 -15.52
CA LYS B 48 21.42 39.97 -14.53
C LYS B 48 22.38 41.16 -14.52
N GLU B 49 21.93 42.28 -13.93
CA GLU B 49 22.72 43.50 -13.91
C GLU B 49 22.77 44.07 -12.49
N GLN B 50 23.93 44.65 -12.16
CA GLN B 50 24.13 45.35 -10.89
C GLN B 50 24.91 46.63 -11.18
N ILE B 51 24.23 47.77 -11.23
CA ILE B 51 24.86 49.05 -11.51
C ILE B 51 25.29 49.72 -10.20
N ILE B 52 26.47 50.31 -10.19
CA ILE B 52 26.99 50.99 -9.01
C ILE B 52 27.61 52.33 -9.40
N ASP B 59 29.50 50.98 -14.97
CA ASP B 59 29.88 50.20 -13.80
C ASP B 59 28.84 49.12 -13.51
N THR B 60 28.43 48.40 -14.54
CA THR B 60 27.41 47.37 -14.43
C THR B 60 28.07 46.04 -14.10
N MET B 61 27.74 45.48 -12.94
CA MET B 61 28.27 44.19 -12.51
C MET B 61 27.33 43.11 -13.05
N TYR B 62 27.57 42.70 -14.29
CA TYR B 62 26.69 41.75 -14.96
C TYR B 62 26.87 40.35 -14.38
N TYR B 63 25.87 39.51 -14.62
CA TYR B 63 25.90 38.09 -14.22
C TYR B 63 25.73 37.29 -15.51
N LEU B 64 26.84 37.07 -16.21
CA LEU B 64 26.80 36.50 -17.56
C LEU B 64 26.77 34.98 -17.45
N THR B 65 25.57 34.44 -17.27
CA THR B 65 25.35 32.99 -17.32
C THR B 65 25.32 32.56 -18.78
N LEU B 66 26.51 32.41 -19.35
CA LEU B 66 26.69 32.17 -20.78
C LEU B 66 27.09 30.72 -21.00
N GLU B 67 26.42 30.05 -21.94
CA GLU B 67 26.79 28.68 -22.27
C GLU B 67 27.87 28.72 -23.36
N ALA B 68 28.97 28.04 -23.11
CA ALA B 68 30.13 28.10 -23.99
C ALA B 68 30.88 26.77 -23.92
N LYS B 69 31.38 26.31 -25.06
CA LYS B 69 31.73 24.92 -25.26
C LYS B 69 33.21 24.67 -25.04
N ASP B 70 33.55 24.06 -23.91
CA ASP B 70 34.83 23.41 -23.73
C ASP B 70 34.64 21.95 -24.14
N GLY B 71 35.07 21.62 -25.36
CA GLY B 71 34.88 20.29 -25.88
C GLY B 71 33.71 20.13 -26.83
N GLY B 72 33.03 21.22 -27.19
CA GLY B 72 31.95 21.18 -28.14
C GLY B 72 30.56 21.16 -27.55
N LYS B 73 30.41 20.90 -26.26
CA LYS B 73 29.11 20.66 -25.67
C LYS B 73 28.57 21.91 -24.97
N LYS B 74 27.24 21.92 -24.81
CA LYS B 74 26.52 23.08 -24.27
C LYS B 74 26.54 23.04 -22.75
N LYS B 75 27.69 23.38 -22.19
CA LYS B 75 27.85 23.53 -20.74
C LYS B 75 27.95 25.01 -20.40
N LEU B 76 27.71 25.34 -19.13
CA LEU B 76 27.46 26.70 -18.70
C LEU B 76 28.71 27.34 -18.09
N TYR B 77 28.84 28.64 -18.33
CA TYR B 77 29.90 29.47 -17.75
C TYR B 77 29.24 30.71 -17.16
N GLU B 78 28.97 30.69 -15.86
CA GLU B 78 28.52 31.89 -15.17
C GLU B 78 29.68 32.87 -15.10
N ALA B 79 29.55 34.02 -15.75
CA ALA B 79 30.61 35.02 -15.77
C ALA B 79 30.11 36.30 -15.11
N LYS B 80 31.07 37.19 -14.83
CA LYS B 80 30.79 38.46 -14.15
C LYS B 80 31.80 39.48 -14.62
N VAL B 81 31.31 40.57 -15.21
CA VAL B 81 32.16 41.59 -15.80
C VAL B 81 31.90 42.93 -15.12
N TRP B 82 32.89 43.81 -15.19
CA TRP B 82 32.77 45.19 -14.75
C TRP B 82 32.75 46.07 -15.98
N VAL B 83 31.56 46.50 -16.39
CA VAL B 83 31.42 47.48 -17.46
C VAL B 83 30.55 48.63 -16.98
N GLY B 89 26.30 54.06 -26.00
CA GLY B 89 26.82 55.14 -25.18
C GLY B 89 28.08 54.75 -24.43
N LEU B 90 28.08 55.00 -23.12
CA LEU B 90 29.22 54.66 -22.28
C LEU B 90 29.34 53.17 -21.99
N ASN B 91 28.27 52.40 -22.20
CA ASN B 91 28.31 50.97 -21.91
C ASN B 91 29.11 50.20 -22.96
N LYS B 92 29.23 50.74 -24.18
CA LYS B 92 30.11 50.15 -25.19
C LYS B 92 31.56 50.58 -24.99
N TYR B 93 31.79 51.88 -24.84
CA TYR B 93 33.14 52.43 -24.79
C TYR B 93 33.57 52.63 -23.33
N ASN B 94 33.95 51.52 -22.71
CA ASN B 94 34.45 51.52 -21.35
C ASN B 94 35.37 50.32 -21.16
N PHE B 95 35.85 50.13 -19.94
CA PHE B 95 36.74 49.02 -19.65
C PHE B 95 35.95 47.72 -19.50
N LYS B 96 36.43 46.66 -20.12
CA LYS B 96 35.84 45.33 -20.03
C LYS B 96 36.95 44.35 -19.67
N GLU B 97 36.73 43.57 -18.61
CA GLU B 97 37.76 42.69 -18.06
C GLU B 97 37.08 41.67 -17.17
N LEU B 98 37.58 40.44 -17.19
CA LEU B 98 36.99 39.34 -16.43
C LEU B 98 37.69 39.16 -15.10
N GLN B 99 36.87 39.01 -14.04
CA GLN B 99 37.34 38.50 -12.77
C GLN B 99 36.62 37.23 -12.35
N GLU B 100 35.59 36.80 -13.08
CA GLU B 100 34.81 35.64 -12.71
C GLU B 100 34.28 35.00 -13.99
N PHE B 101 34.51 33.68 -14.12
CA PHE B 101 34.12 32.93 -15.30
C PHE B 101 33.70 31.51 -14.94
N LYS B 102 33.44 31.24 -13.67
CA LYS B 102 33.44 29.87 -13.16
C LYS B 102 32.13 29.14 -13.49
N PRO B 103 32.20 27.84 -13.75
CA PRO B 103 30.98 27.05 -13.95
C PRO B 103 30.34 26.67 -12.62
N VAL B 104 29.30 25.85 -12.72
CA VAL B 104 28.54 25.42 -11.55
C VAL B 104 29.22 24.19 -10.95
N GLY B 105 30.22 24.44 -10.09
CA GLY B 105 30.75 23.49 -9.12
C GLY B 105 31.27 22.18 -9.68
N ASP B 106 30.64 21.09 -9.22
CA ASP B 106 30.91 19.77 -9.77
C ASP B 106 30.39 19.73 -11.20
N ALA B 107 31.31 19.89 -12.15
CA ALA B 107 30.94 19.98 -13.56
C ALA B 107 30.51 18.61 -14.05
N GLY B 108 31.39 17.63 -13.91
CA GLY B 108 31.06 16.27 -14.31
C GLY B 108 31.59 15.22 -13.37
N GLY B 109 31.66 15.50 -12.07
CA GLY B 109 32.29 14.52 -11.21
C GLY B 109 33.75 14.78 -10.95
N ARG B 110 34.06 15.92 -10.32
CA ARG B 110 35.45 16.26 -9.93
C ARG B 110 36.09 15.16 -9.07
N MET B 111 35.27 14.43 -8.33
CA MET B 111 35.73 13.24 -7.63
C MET B 111 35.10 12.01 -8.27
N ASP B 112 35.90 10.96 -8.42
CA ASP B 112 35.44 9.74 -9.08
C ASP B 112 35.11 8.72 -7.99
N ILE B 113 33.82 8.58 -7.70
CA ILE B 113 33.36 7.69 -6.65
C ILE B 113 32.72 6.48 -7.30
N ASP B 114 33.00 5.30 -6.75
CA ASP B 114 32.50 4.04 -7.23
C ASP B 114 31.50 3.52 -6.23
N PRO B 115 30.22 3.34 -6.59
CA PRO B 115 29.20 3.04 -5.58
C PRO B 115 29.27 1.65 -4.99
N TYR B 116 30.12 0.76 -5.52
CA TYR B 116 30.25 -0.58 -4.97
C TYR B 116 31.65 -0.86 -4.42
N LYS B 117 32.56 0.12 -4.47
CA LYS B 117 33.96 -0.15 -4.20
C LYS B 117 34.23 -0.42 -2.74
N GLU B 118 33.43 0.16 -1.85
CA GLU B 118 33.54 -0.14 -0.42
C GLU B 118 32.99 -1.52 -0.09
N PHE B 119 32.15 -2.07 -0.94
CA PHE B 119 31.45 -3.33 -0.70
C PHE B 119 32.12 -4.51 -1.36
N GLY B 120 33.38 -4.40 -1.72
CA GLY B 120 34.04 -5.45 -2.46
C GLY B 120 34.01 -5.27 -3.96
N ALA B 121 32.85 -5.06 -4.53
CA ALA B 121 32.68 -5.09 -5.97
C ALA B 121 33.15 -3.78 -6.58
N THR B 122 32.95 -3.62 -7.88
CA THR B 122 33.14 -2.38 -8.61
C THR B 122 32.04 -2.27 -9.63
N VAL B 123 32.06 -1.20 -10.42
CA VAL B 123 31.10 -1.06 -11.50
C VAL B 123 31.50 -1.93 -12.66
N GLU B 124 32.80 -2.21 -12.81
CA GLU B 124 33.26 -3.06 -13.88
C GLU B 124 32.87 -4.51 -13.65
N LEU B 125 32.69 -4.90 -12.39
CA LEU B 125 32.22 -6.24 -12.08
C LEU B 125 30.73 -6.40 -12.35
N LEU B 126 29.96 -5.33 -12.22
CA LEU B 126 28.52 -5.41 -12.42
C LEU B 126 28.07 -4.90 -13.77
N SER B 127 28.99 -4.51 -14.64
CA SER B 127 28.61 -4.02 -15.95
C SER B 127 28.41 -5.14 -16.93
N PHE B 128 28.66 -6.38 -16.52
CA PHE B 128 28.52 -7.55 -17.36
C PHE B 128 27.13 -8.13 -17.31
N LEU B 129 26.41 -7.90 -16.22
CA LEU B 129 25.04 -8.36 -16.08
C LEU B 129 24.16 -7.66 -17.10
N PRO B 130 23.25 -8.38 -17.75
CA PRO B 130 22.46 -7.77 -18.81
C PRO B 130 21.44 -6.82 -18.23
N SER B 131 20.78 -6.08 -19.12
CA SER B 131 19.84 -5.06 -18.70
C SER B 131 18.56 -5.65 -18.12
N ASP B 132 18.24 -6.90 -18.44
CA ASP B 132 17.04 -7.55 -17.94
C ASP B 132 17.35 -8.67 -16.96
N PHE B 133 18.55 -8.67 -16.39
CA PHE B 133 18.84 -9.58 -15.30
C PHE B 133 18.13 -9.17 -14.04
N PHE B 134 17.89 -7.90 -13.88
CA PHE B 134 17.35 -7.31 -12.67
C PHE B 134 15.83 -7.27 -12.75
N PRO B 135 15.13 -7.61 -11.68
CA PRO B 135 13.69 -7.41 -11.66
C PRO B 135 13.38 -5.94 -11.66
N SER B 136 12.14 -5.62 -12.02
CA SER B 136 11.72 -4.23 -12.12
C SER B 136 11.79 -3.55 -10.76
N VAL B 137 11.88 -2.22 -10.79
CA VAL B 137 12.21 -1.48 -9.57
C VAL B 137 11.08 -1.54 -8.56
N ARG B 138 9.84 -1.76 -9.01
CA ARG B 138 8.75 -2.07 -8.08
C ARG B 138 9.00 -3.38 -7.37
N ASP B 139 9.49 -4.38 -8.08
CA ASP B 139 9.72 -5.69 -7.47
C ASP B 139 10.91 -5.68 -6.53
N LEU B 140 11.95 -4.92 -6.85
CA LEU B 140 13.08 -4.78 -5.93
C LEU B 140 12.69 -3.96 -4.72
N LEU B 141 11.83 -2.96 -4.89
CA LEU B 141 11.40 -2.16 -3.76
C LEU B 141 10.44 -2.94 -2.87
N ASP B 142 9.58 -3.76 -3.48
CA ASP B 142 8.68 -4.61 -2.70
C ASP B 142 9.44 -5.70 -1.98
N THR B 143 10.51 -6.22 -2.59
CA THR B 143 11.37 -7.17 -1.90
C THR B 143 12.07 -6.52 -0.72
N ALA B 144 12.58 -5.29 -0.92
CA ALA B 144 13.28 -4.57 0.13
C ALA B 144 12.36 -4.26 1.30
N SER B 145 11.19 -3.69 1.01
CA SER B 145 10.14 -3.45 1.99
C SER B 145 9.71 -4.71 2.70
N ALA B 146 9.10 -5.65 1.98
CA ALA B 146 8.54 -6.88 2.53
C ALA B 146 9.58 -7.87 2.98
N LEU B 147 10.86 -7.56 2.98
CA LEU B 147 11.83 -8.49 3.54
C LEU B 147 12.76 -7.85 4.55
N TYR B 148 12.90 -6.51 4.59
CA TYR B 148 13.77 -5.83 5.54
C TYR B 148 13.18 -4.53 6.06
N ARG B 149 11.85 -4.39 6.11
CA ARG B 149 11.26 -3.10 6.48
C ARG B 149 11.50 -2.73 7.93
N GLU B 150 11.53 -3.72 8.82
CA GLU B 150 11.79 -3.42 10.23
C GLU B 150 13.22 -3.00 10.48
N ALA B 151 14.15 -3.35 9.59
CA ALA B 151 15.54 -2.97 9.76
C ALA B 151 15.91 -1.75 8.93
N LEU B 152 15.17 -1.45 7.88
CA LEU B 152 15.40 -0.22 7.15
C LEU B 152 14.75 0.98 7.81
N GLU B 153 13.90 0.77 8.79
CA GLU B 153 13.24 1.89 9.46
C GLU B 153 13.68 2.05 10.90
N SER B 154 14.56 1.19 11.38
CA SER B 154 15.08 1.30 12.72
C SER B 154 16.01 2.49 12.82
N PRO B 155 16.25 3.01 14.03
CA PRO B 155 17.28 4.03 14.20
C PRO B 155 18.71 3.51 14.33
N GLU B 156 18.94 2.26 13.97
CA GLU B 156 20.26 1.65 14.03
C GLU B 156 20.79 1.48 12.61
N HIS B 157 22.11 1.38 12.48
CA HIS B 157 22.71 1.13 11.18
C HIS B 157 22.49 -0.32 10.75
N CYS B 158 23.05 -1.24 11.53
CA CYS B 158 23.07 -2.71 11.46
C CYS B 158 23.95 -3.28 10.37
N SER B 159 24.31 -2.47 9.37
CA SER B 159 25.12 -2.85 8.20
C SER B 159 25.33 -1.64 7.32
N PRO B 160 26.39 -1.60 6.50
CA PRO B 160 26.46 -0.57 5.46
C PRO B 160 25.53 -0.83 4.30
N HIS B 161 25.06 -2.06 4.17
CA HIS B 161 24.10 -2.38 3.13
C HIS B 161 22.77 -1.74 3.41
N HIS B 162 22.37 -1.69 4.68
CA HIS B 162 21.14 -1.02 5.04
C HIS B 162 21.25 0.49 4.83
N THR B 163 22.43 1.06 5.07
CA THR B 163 22.63 2.50 4.87
C THR B 163 22.52 2.86 3.40
N ALA B 164 23.22 2.11 2.55
CA ALA B 164 23.14 2.37 1.12
C ALA B 164 21.77 2.05 0.56
N LEU B 165 21.07 1.07 1.15
CA LEU B 165 19.72 0.73 0.74
C LEU B 165 18.72 1.84 1.08
N ARG B 166 18.87 2.45 2.27
CA ARG B 166 18.03 3.57 2.66
C ARG B 166 18.23 4.76 1.74
N GLN B 167 19.49 5.11 1.46
CA GLN B 167 19.75 6.23 0.55
C GLN B 167 19.30 5.94 -0.87
N ALA B 168 19.39 4.69 -1.33
CA ALA B 168 18.96 4.34 -2.67
C ALA B 168 17.45 4.43 -2.82
N ILE B 169 16.71 3.96 -1.80
CA ILE B 169 15.26 4.06 -1.80
C ILE B 169 14.81 5.50 -1.81
N LEU B 170 15.46 6.34 -0.99
CA LEU B 170 15.07 7.75 -0.95
C LEU B 170 15.43 8.49 -2.22
N ALA B 171 16.53 8.11 -2.87
CA ALA B 171 16.90 8.72 -4.14
C ALA B 171 15.90 8.37 -5.23
N TRP B 172 15.43 7.12 -5.25
CA TRP B 172 14.41 6.74 -6.22
C TRP B 172 13.09 7.44 -5.92
N GLY B 173 12.76 7.63 -4.65
CA GLY B 173 11.54 8.35 -4.31
C GLY B 173 11.59 9.80 -4.74
N GLU B 174 12.73 10.47 -4.53
CA GLU B 174 12.91 11.84 -5.00
C GLU B 174 12.82 11.93 -6.50
N LEU B 175 13.33 10.93 -7.21
CA LEU B 175 13.24 10.92 -8.66
C LEU B 175 11.82 10.65 -9.14
N MET B 176 11.04 9.88 -8.37
CA MET B 176 9.68 9.61 -8.76
C MET B 176 8.76 10.80 -8.51
N THR B 177 9.07 11.63 -7.51
CA THR B 177 8.32 12.89 -7.37
C THR B 177 8.57 13.81 -8.56
N LEU B 178 9.77 13.78 -9.13
CA LEU B 178 10.03 14.52 -10.36
C LEU B 178 9.24 13.96 -11.53
N ALA B 179 9.19 12.62 -11.63
CA ALA B 179 8.42 11.98 -12.70
C ALA B 179 6.94 12.30 -12.59
N THR B 180 6.43 12.45 -11.36
CA THR B 180 5.06 12.92 -11.17
C THR B 180 4.91 14.38 -11.54
N TRP B 181 5.90 15.21 -11.15
CA TRP B 181 5.82 16.65 -11.36
C TRP B 181 5.83 17.01 -12.85
N VAL B 182 6.60 16.27 -13.65
CA VAL B 182 6.72 16.64 -15.06
C VAL B 182 5.44 16.28 -15.81
N GLY B 183 4.70 15.28 -15.33
CA GLY B 183 3.35 15.07 -15.82
C GLY B 183 2.34 16.05 -15.28
N ASN B 184 2.69 16.76 -14.20
CA ASN B 184 1.86 17.77 -13.51
C ASN B 184 0.50 17.24 -13.10
N PRO B 194 2.62 17.45 -24.07
CA PRO B 194 2.83 16.71 -25.32
C PRO B 194 3.64 15.43 -25.11
N ALA B 195 4.47 15.08 -26.08
CA ALA B 195 5.31 13.89 -25.98
C ALA B 195 6.67 14.16 -25.35
N SER B 196 7.01 15.43 -25.12
CA SER B 196 8.29 15.79 -24.51
C SER B 196 8.36 15.32 -23.06
N ARG B 197 7.31 15.62 -22.28
CA ARG B 197 7.25 15.09 -20.92
C ARG B 197 7.10 13.57 -20.93
N ASP B 198 6.45 13.03 -21.96
CA ASP B 198 6.25 11.59 -22.06
C ASP B 198 7.56 10.86 -22.34
N LEU B 199 8.52 11.50 -22.99
CA LEU B 199 9.83 10.87 -23.12
C LEU B 199 10.77 11.22 -21.98
N VAL B 200 10.52 12.33 -21.27
CA VAL B 200 11.29 12.61 -20.06
C VAL B 200 10.98 11.58 -18.97
N VAL B 201 9.70 11.22 -18.79
CA VAL B 201 9.33 10.15 -17.86
C VAL B 201 9.96 8.83 -18.29
N ASN B 202 10.03 8.59 -19.61
CA ASN B 202 10.65 7.38 -20.12
C ASN B 202 12.14 7.34 -19.79
N TYR B 203 12.83 8.48 -19.94
CA TYR B 203 14.23 8.58 -19.58
C TYR B 203 14.44 8.29 -18.10
N VAL B 204 13.69 8.97 -17.24
CA VAL B 204 13.90 8.83 -15.80
C VAL B 204 13.41 7.50 -15.27
N ASN B 205 12.65 6.72 -16.06
CA ASN B 205 12.31 5.38 -15.63
C ASN B 205 13.28 4.32 -16.14
N THR B 206 13.84 4.48 -17.34
CA THR B 206 14.78 3.48 -17.85
C THR B 206 16.23 3.79 -17.52
N ASN B 207 16.74 4.95 -18.00
CA ASN B 207 18.18 5.17 -18.05
C ASN B 207 18.77 5.35 -16.64
N MET B 208 18.27 6.31 -15.89
CA MET B 208 18.37 6.23 -14.45
C MET B 208 17.19 5.38 -14.00
N GLY B 209 17.45 4.50 -13.06
CA GLY B 209 16.46 3.48 -12.79
C GLY B 209 17.05 2.13 -13.09
N LEU B 210 17.79 2.01 -14.20
CA LEU B 210 18.65 0.85 -14.35
C LEU B 210 19.79 0.88 -13.33
N LYS B 211 20.30 2.07 -13.00
CA LYS B 211 21.28 2.19 -11.93
C LYS B 211 20.66 1.92 -10.58
N ILE B 212 19.42 2.37 -10.40
CA ILE B 212 18.69 2.09 -9.16
C ILE B 212 18.44 0.60 -9.02
N ARG B 213 18.14 -0.08 -10.13
CA ARG B 213 17.93 -1.52 -10.09
C ARG B 213 19.21 -2.28 -9.80
N GLN B 214 20.34 -1.84 -10.36
CA GLN B 214 21.61 -2.48 -10.04
C GLN B 214 21.97 -2.29 -8.58
N LEU B 215 21.75 -1.09 -8.06
CA LEU B 215 22.05 -0.79 -6.67
C LEU B 215 21.15 -1.57 -5.73
N LEU B 216 19.86 -1.60 -6.03
CA LEU B 216 18.88 -2.29 -5.20
C LEU B 216 19.11 -3.79 -5.23
N TRP B 217 19.38 -4.34 -6.42
CA TRP B 217 19.69 -5.76 -6.54
C TRP B 217 20.91 -6.12 -5.74
N PHE B 218 21.98 -5.32 -5.87
CA PHE B 218 23.25 -5.64 -5.21
C PHE B 218 23.11 -5.60 -3.70
N HIS B 219 22.33 -4.67 -3.18
CA HIS B 219 22.26 -4.53 -1.74
C HIS B 219 21.30 -5.53 -1.11
N ILE B 220 20.11 -5.75 -1.70
CA ILE B 220 19.24 -6.76 -1.12
C ILE B 220 19.77 -8.17 -1.38
N SER B 221 20.61 -8.37 -2.39
CA SER B 221 21.20 -9.68 -2.61
C SER B 221 22.40 -9.91 -1.73
N CYS B 222 23.15 -8.87 -1.38
CA CYS B 222 24.21 -9.04 -0.41
C CYS B 222 23.66 -9.24 0.98
N LEU B 223 22.48 -8.72 1.26
CA LEU B 223 21.85 -9.00 2.54
C LEU B 223 21.22 -10.38 2.59
N THR B 224 20.62 -10.83 1.48
CA THR B 224 19.94 -12.12 1.46
C THR B 224 20.92 -13.28 1.49
N PHE B 225 21.98 -13.22 0.67
CA PHE B 225 22.82 -14.37 0.40
C PHE B 225 24.20 -14.28 1.03
N GLY B 226 24.49 -13.27 1.82
CA GLY B 226 25.85 -12.95 2.18
C GLY B 226 26.51 -12.14 1.10
N ARG B 227 27.72 -11.67 1.38
CA ARG B 227 28.37 -10.78 0.43
C ARG B 227 29.40 -11.48 -0.44
N GLU B 228 30.19 -12.41 0.13
CA GLU B 228 31.13 -13.16 -0.66
C GLU B 228 30.45 -14.03 -1.69
N THR B 229 29.23 -14.49 -1.40
CA THR B 229 28.47 -15.26 -2.37
C THR B 229 28.03 -14.41 -3.55
N VAL B 230 27.71 -13.13 -3.31
CA VAL B 230 27.32 -12.28 -4.44
C VAL B 230 28.53 -11.93 -5.28
N LEU B 231 29.69 -11.78 -4.67
CA LEU B 231 30.89 -11.49 -5.44
C LEU B 231 31.32 -12.69 -6.28
N GLU B 232 31.27 -13.89 -5.69
CA GLU B 232 31.56 -15.10 -6.45
C GLU B 232 30.56 -15.32 -7.57
N TYR B 233 29.29 -14.99 -7.33
CA TYR B 233 28.30 -15.09 -8.38
C TYR B 233 28.57 -14.10 -9.49
N LEU B 234 29.07 -12.91 -9.17
CA LEU B 234 29.32 -11.95 -10.23
C LEU B 234 30.53 -12.32 -11.05
N VAL B 235 31.53 -12.93 -10.40
CA VAL B 235 32.68 -13.47 -11.14
C VAL B 235 32.23 -14.55 -12.13
N SER B 236 31.51 -15.55 -11.64
CA SER B 236 31.11 -16.67 -12.49
C SER B 236 30.07 -16.28 -13.52
N PHE B 237 29.19 -15.32 -13.20
CA PHE B 237 28.29 -14.81 -14.23
C PHE B 237 29.04 -14.00 -15.27
N GLY B 238 30.13 -13.34 -14.90
CA GLY B 238 30.91 -12.66 -15.90
C GLY B 238 31.57 -13.63 -16.86
N VAL B 239 32.04 -14.76 -16.33
CA VAL B 239 32.61 -15.81 -17.19
C VAL B 239 31.55 -16.39 -18.11
N TRP B 240 30.33 -16.55 -17.60
CA TRP B 240 29.26 -17.09 -18.42
C TRP B 240 28.82 -16.13 -19.51
N ILE B 241 28.67 -14.85 -19.18
CA ILE B 241 28.17 -13.89 -20.17
C ILE B 241 29.26 -13.47 -21.15
N ARG B 242 30.54 -13.65 -20.82
CA ARG B 242 31.61 -13.28 -21.75
C ARG B 242 31.84 -14.35 -22.81
N THR B 243 31.49 -15.59 -22.52
CA THR B 243 31.60 -16.68 -23.47
C THR B 243 30.62 -16.46 -24.61
N PRO B 244 30.98 -16.84 -25.84
CA PRO B 244 30.03 -16.80 -26.94
C PRO B 244 28.87 -17.75 -26.69
N PRO B 245 27.72 -17.55 -27.36
CA PRO B 245 26.58 -18.43 -27.13
C PRO B 245 26.82 -19.87 -27.52
N ALA B 246 27.74 -20.13 -28.45
CA ALA B 246 27.95 -21.49 -28.91
C ALA B 246 28.73 -22.33 -27.90
N TYR B 247 29.54 -21.73 -27.05
CA TYR B 247 30.47 -22.49 -26.23
C TYR B 247 30.22 -22.34 -24.74
N ARG B 248 28.97 -22.15 -24.34
CA ARG B 248 28.61 -22.05 -22.93
C ARG B 248 27.39 -22.91 -22.68
N PRO B 249 27.20 -23.34 -21.43
CA PRO B 249 25.95 -23.99 -21.05
C PRO B 249 24.76 -23.10 -21.32
N PRO B 250 23.64 -23.64 -21.78
CA PRO B 250 22.60 -22.82 -22.39
C PRO B 250 21.81 -21.96 -21.41
N ASN B 251 22.06 -22.07 -20.10
CA ASN B 251 21.30 -21.31 -19.13
C ASN B 251 22.19 -20.81 -18.01
N ALA B 252 21.91 -19.57 -17.57
CA ALA B 252 22.80 -18.78 -16.74
C ALA B 252 22.96 -19.39 -15.36
N PRO B 253 23.99 -19.01 -14.61
CA PRO B 253 24.05 -19.43 -13.21
C PRO B 253 22.99 -18.73 -12.38
N ILE B 254 22.45 -19.45 -11.43
CA ILE B 254 21.42 -18.92 -10.55
C ILE B 254 22.07 -18.58 -9.22
N LEU B 255 21.51 -17.59 -8.55
CA LEU B 255 22.03 -17.12 -7.27
C LEU B 255 21.19 -17.73 -6.15
N SER B 256 21.84 -18.49 -5.29
CA SER B 256 21.27 -18.99 -4.05
C SER B 256 22.41 -19.38 -3.12
N THR B 257 22.15 -19.29 -1.82
CA THR B 257 23.24 -19.30 -0.85
C THR B 257 23.86 -20.68 -0.67
N LEU B 258 23.03 -21.70 -0.41
CA LEU B 258 23.40 -23.10 -0.11
C LEU B 258 24.63 -23.36 0.79
N ASN C 14 -44.79 10.65 14.19
CA ASN C 14 -45.14 10.01 12.92
C ASN C 14 -43.85 9.46 12.30
N GLU C 15 -43.98 8.34 11.58
CA GLU C 15 -42.82 7.58 11.14
C GLU C 15 -42.18 8.12 9.86
N ASN C 16 -42.89 8.97 9.10
CA ASN C 16 -42.35 9.51 7.86
C ASN C 16 -42.70 10.99 7.68
N SER C 17 -42.88 11.71 8.78
CA SER C 17 -43.36 13.08 8.71
C SER C 17 -42.22 14.03 8.32
N LEU C 18 -42.56 15.31 8.20
CA LEU C 18 -41.55 16.34 8.04
C LEU C 18 -40.95 16.76 9.38
N GLU C 19 -41.65 16.49 10.49
CA GLU C 19 -41.16 16.93 11.79
C GLU C 19 -39.96 16.10 12.24
N ILE C 20 -39.91 14.82 11.90
CA ILE C 20 -38.70 14.03 12.18
C ILE C 20 -37.56 14.45 11.27
N GLU C 21 -37.86 14.96 10.08
CA GLU C 21 -36.80 15.45 9.20
C GLU C 21 -36.23 16.77 9.72
N GLU C 22 -37.09 17.64 10.26
CA GLU C 22 -36.61 18.86 10.90
C GLU C 22 -35.86 18.54 12.19
N LEU C 23 -36.29 17.50 12.92
CA LEU C 23 -35.57 17.06 14.10
C LEU C 23 -34.20 16.50 13.73
N ALA C 24 -34.11 15.81 12.60
CA ALA C 24 -32.83 15.30 12.13
C ALA C 24 -31.91 16.44 11.69
N ARG C 25 -32.47 17.48 11.07
CA ARG C 25 -31.67 18.64 10.70
C ARG C 25 -31.18 19.39 11.93
N PHE C 26 -32.04 19.51 12.95
CA PHE C 26 -31.63 20.12 14.21
C PHE C 26 -30.54 19.30 14.89
N ALA C 27 -30.66 17.97 14.85
CA ALA C 27 -29.65 17.12 15.46
C ALA C 27 -28.32 17.23 14.71
N VAL C 28 -28.37 17.27 13.39
CA VAL C 28 -27.12 17.29 12.64
C VAL C 28 -26.44 18.65 12.73
N ASP C 29 -27.20 19.76 12.79
CA ASP C 29 -26.50 21.03 12.96
C ASP C 29 -26.12 21.29 14.40
N GLU C 30 -26.81 20.66 15.36
CA GLU C 30 -26.38 20.75 16.75
C GLU C 30 -25.08 19.99 16.97
N HIS C 31 -24.95 18.80 16.38
CA HIS C 31 -23.68 18.09 16.44
C HIS C 31 -22.59 18.83 15.67
N ASN C 32 -22.95 19.44 14.54
CA ASN C 32 -21.99 20.22 13.76
C ASN C 32 -21.45 21.42 14.54
N LYS C 33 -22.34 22.09 15.28
CA LYS C 33 -21.90 23.25 16.06
C LYS C 33 -21.13 22.83 17.31
N LYS C 34 -21.57 21.76 17.97
CA LYS C 34 -20.97 21.40 19.25
C LYS C 34 -19.67 20.63 19.06
N GLU C 35 -19.72 19.46 18.42
CA GLU C 35 -18.54 18.60 18.35
C GLU C 35 -17.61 18.96 17.21
N ASN C 36 -17.85 20.09 16.52
CA ASN C 36 -16.97 20.65 15.48
C ASN C 36 -16.76 19.67 14.32
N ALA C 37 -17.84 19.39 13.62
CA ALA C 37 -17.80 18.57 12.42
C ALA C 37 -18.69 19.19 11.37
N LEU C 38 -18.64 18.63 10.15
CA LEU C 38 -19.53 19.06 9.07
C LEU C 38 -20.16 17.82 8.46
N LEU C 39 -21.39 17.53 8.89
CA LEU C 39 -22.14 16.36 8.45
C LEU C 39 -23.36 16.83 7.67
N GLU C 40 -23.50 16.33 6.44
CA GLU C 40 -24.64 16.65 5.59
C GLU C 40 -25.67 15.54 5.72
N PHE C 41 -26.77 15.84 6.41
CA PHE C 41 -27.81 14.85 6.62
C PHE C 41 -28.59 14.62 5.33
N VAL C 42 -28.90 13.35 5.04
CA VAL C 42 -29.65 13.01 3.82
C VAL C 42 -31.02 12.46 4.17
N ARG C 43 -31.07 11.32 4.87
CA ARG C 43 -32.33 10.63 5.09
C ARG C 43 -32.36 10.03 6.49
N VAL C 44 -33.57 9.81 7.00
CA VAL C 44 -33.78 9.17 8.29
C VAL C 44 -34.15 7.71 8.04
N VAL C 45 -33.69 6.83 8.93
CA VAL C 45 -34.02 5.41 8.82
C VAL C 45 -34.90 4.91 9.95
N LYS C 46 -34.99 5.62 11.08
CA LYS C 46 -35.68 5.11 12.25
C LYS C 46 -36.06 6.29 13.13
N ALA C 47 -37.20 6.15 13.82
CA ALA C 47 -37.66 7.16 14.78
C ALA C 47 -38.54 6.48 15.82
N LYS C 48 -38.06 6.39 17.06
CA LYS C 48 -38.83 5.78 18.15
C LYS C 48 -39.41 6.88 19.03
N GLU C 49 -40.74 6.93 19.11
CA GLU C 49 -41.43 7.86 19.99
C GLU C 49 -41.56 7.28 21.39
N GLN C 50 -41.24 8.09 22.41
CA GLN C 50 -41.37 7.67 23.80
C GLN C 50 -41.90 8.87 24.58
N ILE C 51 -43.15 8.77 25.03
CA ILE C 51 -43.76 9.81 25.83
C ILE C 51 -43.36 9.63 27.28
N ILE C 52 -43.00 10.74 27.94
CA ILE C 52 -42.70 10.70 29.37
C ILE C 52 -43.99 10.87 30.15
N ASP C 59 -43.71 17.02 26.93
CA ASP C 59 -42.35 16.52 26.72
C ASP C 59 -42.36 15.18 26.00
N THR C 60 -41.63 15.10 24.88
CA THR C 60 -41.52 13.88 24.09
C THR C 60 -40.05 13.50 23.98
N MET C 61 -39.69 12.33 24.51
CA MET C 61 -38.32 11.84 24.42
C MET C 61 -38.19 11.03 23.14
N TYR C 62 -37.57 11.61 22.12
CA TYR C 62 -37.41 10.94 20.84
C TYR C 62 -36.15 10.09 20.83
N TYR C 63 -36.02 9.27 19.79
CA TYR C 63 -34.84 8.42 19.59
C TYR C 63 -34.63 8.30 18.08
N LEU C 64 -33.79 9.17 17.55
CA LEU C 64 -33.56 9.25 16.11
C LEU C 64 -32.33 8.46 15.72
N THR C 65 -32.36 7.89 14.51
CA THR C 65 -31.16 7.39 13.85
C THR C 65 -31.18 7.88 12.41
N LEU C 66 -30.19 8.67 12.05
CA LEU C 66 -30.14 9.32 10.75
C LEU C 66 -28.78 9.07 10.11
N GLU C 67 -28.78 9.02 8.79
CA GLU C 67 -27.56 8.90 8.02
C GLU C 67 -27.13 10.27 7.52
N ALA C 68 -25.90 10.65 7.82
CA ALA C 68 -25.36 11.95 7.43
C ALA C 68 -24.16 11.73 6.53
N LYS C 69 -24.26 12.26 5.30
CA LYS C 69 -23.18 12.16 4.33
C LYS C 69 -21.96 12.92 4.83
N ASP C 70 -20.79 12.30 4.74
CA ASP C 70 -19.56 12.87 5.28
C ASP C 70 -18.39 12.59 4.32
N GLY C 71 -18.12 13.55 3.43
CA GLY C 71 -16.94 13.50 2.60
C GLY C 71 -16.92 12.43 1.53
N GLY C 72 -18.08 11.87 1.19
CA GLY C 72 -18.16 10.80 0.21
C GLY C 72 -18.53 9.46 0.81
N LYS C 73 -18.84 9.40 2.09
CA LYS C 73 -19.14 8.16 2.80
C LYS C 73 -20.45 8.34 3.54
N LYS C 74 -21.51 7.67 3.07
CA LYS C 74 -22.79 7.69 3.75
C LYS C 74 -22.73 6.79 4.98
N LYS C 75 -22.80 7.38 6.16
CA LYS C 75 -22.66 6.63 7.41
C LYS C 75 -23.81 6.97 8.35
N LEU C 76 -24.30 5.96 9.07
CA LEU C 76 -25.42 6.11 9.97
C LEU C 76 -24.97 6.70 11.30
N TYR C 77 -25.91 7.35 11.99
CA TYR C 77 -25.61 8.05 13.24
C TYR C 77 -26.85 7.99 14.15
N GLU C 78 -26.64 7.51 15.37
CA GLU C 78 -27.71 7.47 16.36
C GLU C 78 -27.83 8.82 17.05
N ALA C 79 -29.05 9.21 17.38
CA ALA C 79 -29.30 10.50 18.01
C ALA C 79 -30.29 10.33 19.15
N LYS C 80 -30.16 11.16 20.18
CA LYS C 80 -31.13 11.26 21.26
C LYS C 80 -31.50 12.73 21.45
N VAL C 81 -32.66 13.13 20.95
CA VAL C 81 -33.19 14.46 21.19
C VAL C 81 -34.37 14.34 22.14
N TRP C 82 -34.65 15.43 22.85
CA TRP C 82 -35.79 15.50 23.76
C TRP C 82 -36.52 16.79 23.49
N VAL C 83 -37.81 16.69 23.17
CA VAL C 83 -38.58 17.86 22.83
C VAL C 83 -40.03 17.70 23.26
N GLY C 89 -47.88 21.46 16.98
CA GLY C 89 -48.39 22.30 18.05
C GLY C 89 -47.50 22.31 19.28
N LEU C 90 -47.77 21.38 20.21
CA LEU C 90 -46.97 21.28 21.42
C LEU C 90 -45.60 20.68 21.15
N ASN C 91 -45.44 19.95 20.04
CA ASN C 91 -44.18 19.28 19.75
C ASN C 91 -43.11 20.28 19.33
N LYS C 92 -43.34 21.01 18.24
CA LYS C 92 -42.31 21.90 17.71
C LYS C 92 -42.15 23.17 18.53
N TYR C 93 -43.19 23.58 19.26
CA TYR C 93 -43.09 24.72 20.15
C TYR C 93 -42.65 24.25 21.54
N ASN C 94 -41.41 23.78 21.59
CA ASN C 94 -40.84 23.24 22.81
C ASN C 94 -39.32 23.35 22.71
N PHE C 95 -38.67 23.20 23.86
CA PHE C 95 -37.22 23.28 23.95
C PHE C 95 -36.62 21.95 23.50
N LYS C 96 -36.18 21.88 22.25
CA LYS C 96 -35.48 20.71 21.73
C LYS C 96 -34.00 20.80 22.09
N GLU C 97 -33.40 19.66 22.40
CA GLU C 97 -32.02 19.64 22.86
C GLU C 97 -31.40 18.28 22.59
N LEU C 98 -30.19 18.29 22.04
CA LEU C 98 -29.49 17.07 21.65
C LEU C 98 -28.59 16.58 22.79
N GLN C 99 -28.69 15.28 23.09
CA GLN C 99 -27.87 14.68 24.13
C GLN C 99 -26.79 13.74 23.63
N GLU C 100 -26.94 13.15 22.45
CA GLU C 100 -25.97 12.16 22.01
C GLU C 100 -26.00 12.06 20.49
N PHE C 101 -24.81 11.95 19.89
CA PHE C 101 -24.69 11.75 18.46
C PHE C 101 -23.61 10.71 18.17
N LYS C 102 -23.62 9.61 18.90
CA LYS C 102 -22.57 8.63 18.64
C LYS C 102 -22.95 7.75 17.45
N PRO C 103 -21.98 7.36 16.64
CA PRO C 103 -22.29 6.52 15.48
C PRO C 103 -22.49 5.05 15.83
N VAL C 104 -22.66 4.22 14.81
CA VAL C 104 -22.90 2.79 14.99
C VAL C 104 -21.65 2.03 14.57
N GLY C 105 -21.23 1.08 15.41
CA GLY C 105 -20.02 0.32 15.15
C GLY C 105 -18.77 1.07 15.53
N ASP C 106 -17.87 0.45 16.28
CA ASP C 106 -16.71 1.16 16.82
C ASP C 106 -15.57 1.25 15.82
N ALA C 107 -15.69 0.60 14.65
CA ALA C 107 -14.59 0.53 13.68
C ALA C 107 -14.42 1.88 13.01
N GLY C 108 -13.74 2.78 13.71
CA GLY C 108 -13.13 3.96 13.14
C GLY C 108 -11.63 3.88 13.07
N GLY C 109 -11.04 2.70 13.22
CA GLY C 109 -9.61 2.51 13.17
C GLY C 109 -8.90 2.94 14.44
N ARG C 110 -9.19 2.26 15.55
CA ARG C 110 -8.63 2.64 16.83
C ARG C 110 -7.64 1.62 17.38
N MET C 111 -7.56 0.44 16.79
CA MET C 111 -6.58 -0.56 17.17
C MET C 111 -5.84 -1.02 15.93
N ASP C 112 -4.53 -1.05 16.00
CA ASP C 112 -3.68 -1.55 14.90
C ASP C 112 -3.18 -2.92 15.31
N ILE C 113 -3.90 -3.95 14.88
CA ILE C 113 -3.62 -5.33 15.27
C ILE C 113 -3.27 -6.10 14.00
N ASP C 114 -2.13 -6.78 14.02
CA ASP C 114 -1.95 -7.73 12.92
C ASP C 114 -2.52 -9.08 13.30
N PRO C 115 -3.13 -9.79 12.35
CA PRO C 115 -3.40 -11.21 12.59
C PRO C 115 -2.13 -12.03 12.66
N TYR C 116 -1.05 -11.57 12.04
CA TYR C 116 0.23 -12.25 11.99
C TYR C 116 1.19 -11.24 12.59
N LYS C 117 1.30 -11.20 13.89
CA LYS C 117 2.46 -10.58 14.50
C LYS C 117 2.99 -11.36 15.69
N GLU C 118 2.11 -12.07 16.40
CA GLU C 118 2.44 -13.02 17.44
C GLU C 118 3.08 -14.28 16.90
N PHE C 119 3.04 -14.48 15.58
CA PHE C 119 3.58 -15.67 14.95
C PHE C 119 4.92 -15.42 14.27
N GLY C 120 5.19 -14.21 13.82
CA GLY C 120 6.44 -13.86 13.20
C GLY C 120 6.29 -13.24 11.82
N ALA C 121 5.14 -13.35 11.22
CA ALA C 121 4.91 -12.76 9.92
C ALA C 121 4.41 -11.35 10.12
N THR C 122 4.02 -10.70 9.03
CA THR C 122 3.23 -9.49 9.03
C THR C 122 2.24 -9.63 7.89
N VAL C 123 1.38 -8.63 7.73
CA VAL C 123 0.40 -8.70 6.66
C VAL C 123 1.04 -8.42 5.31
N GLU C 124 2.13 -7.64 5.31
CA GLU C 124 2.80 -7.36 4.04
C GLU C 124 3.60 -8.55 3.56
N LEU C 125 4.06 -9.41 4.47
CA LEU C 125 4.76 -10.61 4.07
C LEU C 125 3.82 -11.62 3.44
N LEU C 126 2.52 -11.55 3.74
CA LEU C 126 1.60 -12.45 3.09
C LEU C 126 0.94 -11.86 1.86
N SER C 127 1.08 -10.57 1.63
CA SER C 127 0.76 -10.00 0.33
C SER C 127 2.01 -9.88 -0.54
N PHE C 128 3.12 -10.45 -0.07
CA PHE C 128 4.31 -10.60 -0.89
C PHE C 128 4.08 -11.64 -1.97
N LEU C 129 3.43 -12.75 -1.62
CA LEU C 129 2.99 -13.73 -2.58
C LEU C 129 1.88 -13.13 -3.44
N PRO C 130 1.66 -13.67 -4.65
CA PRO C 130 0.58 -13.15 -5.49
C PRO C 130 -0.79 -13.40 -4.86
N SER C 131 -1.78 -12.68 -5.37
CA SER C 131 -3.12 -12.78 -4.83
C SER C 131 -3.71 -14.16 -5.08
N ASP C 132 -3.64 -14.62 -6.31
CA ASP C 132 -4.19 -15.92 -6.69
C ASP C 132 -3.25 -17.07 -6.42
N PHE C 133 -2.24 -16.91 -5.58
CA PHE C 133 -1.46 -18.07 -5.18
C PHE C 133 -2.26 -18.93 -4.21
N PHE C 134 -3.03 -18.31 -3.36
CA PHE C 134 -3.61 -19.01 -2.23
C PHE C 134 -4.77 -19.88 -2.70
N PRO C 135 -4.82 -21.14 -2.28
CA PRO C 135 -5.92 -22.02 -2.69
C PRO C 135 -7.22 -21.51 -2.10
N SER C 136 -8.31 -21.80 -2.80
CA SER C 136 -9.60 -21.20 -2.45
C SER C 136 -10.10 -21.75 -1.11
N VAL C 137 -11.10 -21.08 -0.55
CA VAL C 137 -11.47 -21.29 0.83
C VAL C 137 -12.15 -22.63 1.02
N ARG C 138 -12.79 -23.14 -0.04
CA ARG C 138 -13.33 -24.50 -0.03
C ARG C 138 -12.24 -25.52 0.18
N ASP C 139 -11.14 -25.38 -0.57
CA ASP C 139 -10.04 -26.33 -0.50
C ASP C 139 -9.32 -26.26 0.83
N LEU C 140 -9.21 -25.06 1.40
CA LEU C 140 -8.53 -24.88 2.67
C LEU C 140 -9.39 -25.34 3.84
N LEU C 141 -10.71 -25.21 3.76
CA LEU C 141 -11.54 -25.75 4.81
C LEU C 141 -11.60 -27.28 4.75
N ASP C 142 -11.57 -27.84 3.54
CA ASP C 142 -11.44 -29.29 3.41
C ASP C 142 -10.10 -29.79 3.94
N THR C 143 -9.02 -29.05 3.68
CA THR C 143 -7.71 -29.39 4.22
C THR C 143 -7.68 -29.29 5.73
N ALA C 144 -8.41 -28.33 6.30
CA ALA C 144 -8.42 -28.18 7.74
C ALA C 144 -9.21 -29.28 8.40
N SER C 145 -10.40 -29.58 7.87
CA SER C 145 -11.24 -30.61 8.45
C SER C 145 -10.72 -32.01 8.19
N ALA C 146 -9.88 -32.20 7.19
CA ALA C 146 -9.35 -33.52 6.92
C ALA C 146 -8.12 -33.85 7.74
N LEU C 147 -7.55 -32.90 8.46
CA LEU C 147 -6.25 -33.11 9.07
C LEU C 147 -6.17 -32.70 10.53
N TYR C 148 -6.96 -31.74 10.99
CA TYR C 148 -6.89 -31.25 12.36
C TYR C 148 -8.25 -31.19 13.03
N ARG C 149 -9.22 -31.95 12.54
CA ARG C 149 -10.59 -31.84 13.04
C ARG C 149 -10.72 -32.33 14.46
N GLU C 150 -9.87 -33.28 14.87
CA GLU C 150 -9.94 -33.78 16.23
C GLU C 150 -9.08 -32.99 17.19
N ALA C 151 -8.46 -31.91 16.73
CA ALA C 151 -7.84 -30.93 17.59
C ALA C 151 -8.46 -29.56 17.47
N LEU C 152 -9.09 -29.25 16.34
CA LEU C 152 -9.91 -28.06 16.20
C LEU C 152 -11.29 -28.20 16.80
N GLU C 153 -11.54 -29.28 17.53
CA GLU C 153 -12.84 -29.50 18.15
C GLU C 153 -12.69 -30.00 19.57
N SER C 154 -11.49 -30.00 20.12
CA SER C 154 -11.22 -30.56 21.41
C SER C 154 -10.95 -29.47 22.44
N PRO C 155 -11.17 -29.74 23.72
CA PRO C 155 -10.88 -28.73 24.75
C PRO C 155 -9.40 -28.64 25.12
N GLU C 156 -8.58 -28.20 24.19
CA GLU C 156 -7.21 -27.83 24.51
C GLU C 156 -6.80 -26.61 23.70
N HIS C 157 -5.87 -25.84 24.26
CA HIS C 157 -5.05 -24.95 23.46
C HIS C 157 -3.85 -25.79 23.08
N CYS C 158 -3.91 -26.44 21.93
CA CYS C 158 -2.75 -27.23 21.55
C CYS C 158 -1.62 -26.33 21.09
N SER C 159 -1.96 -25.22 20.45
CA SER C 159 -1.02 -24.26 19.90
C SER C 159 -1.79 -23.00 19.55
N PRO C 160 -1.12 -21.85 19.45
CA PRO C 160 -1.79 -20.64 18.98
C PRO C 160 -2.31 -20.73 17.56
N HIS C 161 -1.79 -21.64 16.76
CA HIS C 161 -2.29 -21.81 15.40
C HIS C 161 -3.68 -22.44 15.41
N HIS C 162 -3.93 -23.38 16.33
CA HIS C 162 -5.28 -23.90 16.50
C HIS C 162 -6.21 -22.82 17.00
N THR C 163 -5.74 -22.00 17.95
CA THR C 163 -6.59 -21.00 18.59
C THR C 163 -6.96 -19.90 17.62
N ALA C 164 -6.10 -19.61 16.64
CA ALA C 164 -6.45 -18.65 15.59
C ALA C 164 -7.23 -19.29 14.45
N LEU C 165 -6.98 -20.58 14.20
CA LEU C 165 -7.67 -21.30 13.14
C LEU C 165 -9.15 -21.47 13.46
N ARG C 166 -9.48 -21.71 14.74
CA ARG C 166 -10.87 -21.86 15.15
C ARG C 166 -11.65 -20.58 14.91
N GLN C 167 -11.09 -19.44 15.31
CA GLN C 167 -11.78 -18.18 15.14
C GLN C 167 -11.87 -17.77 13.69
N ALA C 168 -10.86 -18.12 12.88
CA ALA C 168 -10.93 -17.85 11.46
C ALA C 168 -12.05 -18.65 10.79
N ILE C 169 -12.19 -19.93 11.16
CA ILE C 169 -13.23 -20.77 10.59
C ILE C 169 -14.62 -20.29 11.01
N LEU C 170 -14.78 -19.92 12.28
CA LEU C 170 -16.09 -19.48 12.74
C LEU C 170 -16.45 -18.11 12.18
N ALA C 171 -15.45 -17.26 11.93
CA ALA C 171 -15.71 -15.98 11.29
C ALA C 171 -16.16 -16.17 9.85
N TRP C 172 -15.55 -17.14 9.15
CA TRP C 172 -16.04 -17.46 7.82
C TRP C 172 -17.43 -18.07 7.85
N GLY C 173 -17.76 -18.81 8.91
CA GLY C 173 -19.10 -19.34 9.06
C GLY C 173 -20.14 -18.26 9.24
N GLU C 174 -19.84 -17.24 10.06
CA GLU C 174 -20.74 -16.10 10.21
C GLU C 174 -20.88 -15.34 8.89
N LEU C 175 -19.79 -15.21 8.13
CA LEU C 175 -19.84 -14.51 6.85
C LEU C 175 -20.70 -15.23 5.83
N MET C 176 -20.57 -16.56 5.75
CA MET C 176 -21.39 -17.29 4.80
C MET C 176 -22.85 -17.37 5.24
N THR C 177 -23.11 -17.39 6.56
CA THR C 177 -24.49 -17.33 7.04
C THR C 177 -25.14 -16.01 6.67
N LEU C 178 -24.37 -14.92 6.74
CA LEU C 178 -24.86 -13.63 6.28
C LEU C 178 -25.10 -13.64 4.77
N ALA C 179 -24.24 -14.33 4.02
CA ALA C 179 -24.43 -14.41 2.57
C ALA C 179 -25.73 -15.12 2.21
N THR C 180 -26.03 -16.24 2.87
CA THR C 180 -27.30 -16.91 2.63
C THR C 180 -28.48 -16.10 3.17
N TRP C 181 -28.27 -15.27 4.19
CA TRP C 181 -29.34 -14.40 4.65
C TRP C 181 -29.67 -13.35 3.61
N VAL C 182 -28.66 -12.71 3.02
CA VAL C 182 -28.91 -11.67 2.04
C VAL C 182 -29.47 -12.26 0.76
N GLY C 183 -29.07 -13.49 0.42
CA GLY C 183 -29.67 -14.17 -0.71
C GLY C 183 -31.15 -14.47 -0.51
N ASN C 184 -31.54 -14.80 0.72
CA ASN C 184 -32.91 -15.15 1.03
C ASN C 184 -33.72 -14.00 1.60
N ASN C 185 -33.33 -12.76 1.28
CA ASN C 185 -34.06 -11.58 1.71
C ASN C 185 -33.99 -10.55 0.58
N LEU C 186 -34.44 -9.34 0.89
CA LEU C 186 -34.43 -8.17 0.00
C LEU C 186 -35.14 -8.41 -1.34
N ASP C 198 -26.70 -11.59 -6.53
CA ASP C 198 -26.38 -10.35 -5.86
C ASP C 198 -24.88 -10.06 -5.92
N LEU C 199 -24.54 -8.78 -5.79
CA LEU C 199 -23.15 -8.37 -5.87
C LEU C 199 -22.41 -8.57 -4.55
N VAL C 200 -23.14 -8.58 -3.44
CA VAL C 200 -22.50 -8.68 -2.14
C VAL C 200 -21.96 -10.10 -1.90
N VAL C 201 -22.58 -11.10 -2.51
CA VAL C 201 -22.16 -12.48 -2.27
C VAL C 201 -20.82 -12.75 -2.96
N ASN C 202 -20.54 -12.06 -4.06
CA ASN C 202 -19.21 -12.14 -4.63
C ASN C 202 -18.26 -11.10 -4.06
N TYR C 203 -18.79 -10.00 -3.52
CA TYR C 203 -17.95 -9.04 -2.80
C TYR C 203 -17.32 -9.69 -1.58
N VAL C 204 -18.06 -10.56 -0.90
CA VAL C 204 -17.54 -11.30 0.23
C VAL C 204 -16.38 -12.18 -0.20
N ASN C 205 -16.51 -12.85 -1.34
CA ASN C 205 -15.49 -13.79 -1.77
C ASN C 205 -14.26 -13.08 -2.32
N THR C 206 -14.43 -11.91 -2.93
CA THR C 206 -13.27 -11.18 -3.44
C THR C 206 -12.47 -10.57 -2.29
N ASN C 207 -13.14 -9.96 -1.33
CA ASN C 207 -12.46 -9.10 -0.37
C ASN C 207 -12.18 -9.80 0.96
N MET C 208 -13.24 -10.25 1.62
CA MET C 208 -13.04 -11.01 2.85
C MET C 208 -12.54 -12.41 2.55
N GLY C 209 -12.84 -12.91 1.35
CA GLY C 209 -12.38 -14.22 0.96
C GLY C 209 -10.88 -14.31 0.80
N LEU C 210 -10.24 -13.24 0.32
CA LEU C 210 -8.80 -13.26 0.15
C LEU C 210 -8.08 -13.25 1.50
N LYS C 211 -8.55 -12.43 2.44
CA LYS C 211 -7.92 -12.42 3.76
C LYS C 211 -8.18 -13.70 4.51
N ILE C 212 -9.36 -14.31 4.35
CA ILE C 212 -9.58 -15.59 5.00
C ILE C 212 -8.78 -16.69 4.31
N ARG C 213 -8.48 -16.53 3.02
CA ARG C 213 -7.65 -17.51 2.34
C ARG C 213 -6.22 -17.46 2.82
N GLN C 214 -5.69 -16.23 2.97
CA GLN C 214 -4.34 -16.07 3.49
C GLN C 214 -4.24 -16.54 4.93
N LEU C 215 -5.26 -16.28 5.73
CA LEU C 215 -5.22 -16.67 7.13
C LEU C 215 -5.29 -18.19 7.29
N LEU C 216 -6.22 -18.82 6.56
CA LEU C 216 -6.35 -20.27 6.61
C LEU C 216 -5.12 -20.96 6.05
N TRP C 217 -4.59 -20.44 4.93
CA TRP C 217 -3.38 -20.99 4.34
C TRP C 217 -2.22 -20.91 5.30
N PHE C 218 -2.02 -19.75 5.93
CA PHE C 218 -0.90 -19.55 6.84
C PHE C 218 -0.97 -20.48 8.02
N HIS C 219 -2.15 -20.64 8.62
CA HIS C 219 -2.19 -21.43 9.84
C HIS C 219 -2.18 -22.93 9.54
N ILE C 220 -2.82 -23.36 8.46
CA ILE C 220 -2.77 -24.77 8.08
C ILE C 220 -1.35 -25.17 7.69
N SER C 221 -0.66 -24.33 6.91
CA SER C 221 0.71 -24.62 6.52
C SER C 221 1.67 -24.53 7.69
N CYS C 222 1.42 -23.65 8.65
CA CYS C 222 2.28 -23.56 9.81
C CYS C 222 2.09 -24.74 10.74
N LEU C 223 0.89 -25.32 10.74
CA LEU C 223 0.67 -26.53 11.53
C LEU C 223 1.31 -27.73 10.85
N THR C 224 1.23 -27.80 9.53
CA THR C 224 1.76 -28.94 8.80
C THR C 224 3.28 -28.92 8.75
N PHE C 225 3.86 -27.86 8.19
CA PHE C 225 5.28 -27.82 7.88
C PHE C 225 6.12 -27.13 8.93
N GLY C 226 5.52 -26.59 9.98
CA GLY C 226 6.26 -25.77 10.91
C GLY C 226 6.12 -24.30 10.60
N ARG C 227 6.48 -23.47 11.56
CA ARG C 227 6.27 -22.04 11.41
C ARG C 227 7.43 -21.35 10.74
N GLU C 228 8.65 -21.75 11.09
CA GLU C 228 9.83 -21.18 10.46
C GLU C 228 9.94 -21.59 9.00
N THR C 229 9.48 -22.80 8.67
CA THR C 229 9.49 -23.27 7.29
C THR C 229 8.54 -22.46 6.43
N VAL C 230 7.40 -22.08 6.97
CA VAL C 230 6.48 -21.22 6.22
C VAL C 230 7.03 -19.80 6.13
N LEU C 231 7.66 -19.31 7.20
CA LEU C 231 8.22 -17.96 7.16
C LEU C 231 9.41 -17.85 6.23
N GLU C 232 10.14 -18.94 5.98
CA GLU C 232 11.18 -18.92 4.97
C GLU C 232 10.63 -19.15 3.58
N TYR C 233 9.60 -19.99 3.45
CA TYR C 233 8.99 -20.23 2.15
C TYR C 233 8.33 -18.99 1.61
N LEU C 234 7.84 -18.11 2.47
CA LEU C 234 7.18 -16.90 2.02
C LEU C 234 8.16 -15.96 1.31
N VAL C 235 9.33 -15.75 1.91
CA VAL C 235 10.31 -14.89 1.25
C VAL C 235 10.95 -15.59 0.06
N SER C 236 11.07 -16.93 0.10
CA SER C 236 11.64 -17.66 -1.03
C SER C 236 10.72 -17.62 -2.24
N PHE C 237 9.43 -17.88 -2.04
CA PHE C 237 8.50 -17.80 -3.15
C PHE C 237 8.29 -16.37 -3.61
N GLY C 238 8.39 -15.39 -2.70
CA GLY C 238 8.26 -14.01 -3.13
C GLY C 238 9.38 -13.59 -4.06
N VAL C 239 10.64 -13.77 -3.64
CA VAL C 239 11.74 -13.41 -4.52
C VAL C 239 11.85 -14.34 -5.72
N TRP C 240 11.27 -15.54 -5.66
CA TRP C 240 11.23 -16.38 -6.85
C TRP C 240 10.28 -15.82 -7.88
N ILE C 241 9.15 -15.28 -7.44
CA ILE C 241 8.22 -14.74 -8.43
C ILE C 241 8.67 -13.37 -8.91
N ARG C 242 9.60 -12.70 -8.19
CA ARG C 242 10.05 -11.40 -8.69
C ARG C 242 11.11 -11.51 -9.79
N THR C 243 12.00 -12.51 -9.72
CA THR C 243 13.13 -12.60 -10.64
C THR C 243 12.67 -12.82 -12.07
N PRO C 244 13.47 -12.40 -13.06
CA PRO C 244 13.17 -12.78 -14.43
C PRO C 244 13.32 -14.27 -14.60
N PRO C 245 12.55 -14.88 -15.52
CA PRO C 245 12.47 -16.34 -15.56
C PRO C 245 13.76 -17.02 -15.98
N ALA C 246 14.61 -16.31 -16.72
CA ALA C 246 15.82 -16.89 -17.26
C ALA C 246 16.93 -17.03 -16.23
N TYR C 247 16.74 -16.53 -15.00
CA TYR C 247 17.79 -16.50 -14.00
C TYR C 247 17.30 -16.99 -12.64
N ARG C 248 16.26 -17.80 -12.62
CA ARG C 248 15.76 -18.44 -11.40
C ARG C 248 15.70 -19.94 -11.65
N PRO C 249 15.51 -20.76 -10.62
CA PRO C 249 15.15 -22.15 -10.87
C PRO C 249 13.84 -22.24 -11.64
N PRO C 250 13.68 -23.25 -12.49
CA PRO C 250 12.58 -23.20 -13.46
C PRO C 250 11.23 -23.58 -12.91
N ASN C 251 11.19 -24.35 -11.82
CA ASN C 251 9.95 -24.84 -11.26
C ASN C 251 9.67 -24.13 -9.95
N ALA C 252 8.40 -23.78 -9.74
CA ALA C 252 7.99 -22.96 -8.62
C ALA C 252 8.24 -23.70 -7.31
N PRO C 253 8.54 -22.98 -6.24
CA PRO C 253 8.73 -23.66 -4.96
C PRO C 253 7.43 -24.24 -4.44
N ILE C 254 7.53 -25.44 -3.88
CA ILE C 254 6.42 -26.08 -3.20
C ILE C 254 6.97 -26.47 -1.84
N LEU C 255 6.06 -26.68 -0.91
CA LEU C 255 6.45 -27.11 0.42
C LEU C 255 5.71 -28.41 0.70
N SER C 256 6.47 -29.45 1.03
CA SER C 256 5.93 -30.81 1.05
C SER C 256 6.81 -31.66 1.94
N THR C 257 6.43 -32.92 2.10
CA THR C 257 7.28 -33.91 2.76
C THR C 257 7.31 -35.23 1.98
N ASN D 14 -27.74 -18.32 -24.21
CA ASN D 14 -28.21 -16.97 -23.88
C ASN D 14 -28.74 -16.93 -22.44
N GLU D 15 -28.74 -15.73 -21.87
CA GLU D 15 -29.22 -15.57 -20.50
C GLU D 15 -30.74 -15.66 -20.40
N ASN D 16 -31.46 -15.14 -21.39
CA ASN D 16 -32.92 -15.13 -21.37
C ASN D 16 -33.54 -16.37 -21.99
N SER D 17 -32.81 -17.06 -22.86
CA SER D 17 -33.35 -18.19 -23.61
C SER D 17 -33.58 -19.40 -22.70
N LEU D 18 -34.42 -20.31 -23.17
CA LEU D 18 -34.82 -21.47 -22.39
C LEU D 18 -33.81 -22.61 -22.45
N GLU D 19 -32.74 -22.47 -23.24
CA GLU D 19 -31.79 -23.57 -23.40
C GLU D 19 -30.93 -23.77 -22.16
N ILE D 20 -30.62 -22.68 -21.44
CA ILE D 20 -29.92 -22.81 -20.16
C ILE D 20 -30.83 -23.45 -19.12
N GLU D 21 -32.14 -23.19 -19.20
CA GLU D 21 -33.09 -23.79 -18.28
C GLU D 21 -33.24 -25.29 -18.57
N GLU D 22 -33.29 -25.66 -19.85
CA GLU D 22 -33.32 -27.07 -20.24
C GLU D 22 -32.01 -27.76 -19.87
N LEU D 23 -30.89 -27.05 -19.96
CA LEU D 23 -29.58 -27.60 -19.64
C LEU D 23 -29.49 -27.94 -18.15
N ALA D 24 -29.77 -26.96 -17.28
CA ALA D 24 -29.71 -27.24 -15.85
C ALA D 24 -30.91 -28.07 -15.38
N ARG D 25 -32.00 -28.13 -16.13
CA ARG D 25 -33.09 -29.04 -15.80
C ARG D 25 -32.69 -30.47 -16.08
N PHE D 26 -32.01 -30.71 -17.20
CA PHE D 26 -31.43 -32.02 -17.46
C PHE D 26 -30.41 -32.39 -16.40
N ALA D 27 -29.64 -31.40 -15.95
CA ALA D 27 -28.72 -31.60 -14.83
C ALA D 27 -29.45 -31.98 -13.56
N VAL D 28 -30.61 -31.38 -13.29
CA VAL D 28 -31.24 -31.66 -12.01
C VAL D 28 -31.98 -33.00 -12.04
N ASP D 29 -32.54 -33.42 -13.18
CA ASP D 29 -33.08 -34.79 -13.17
C ASP D 29 -31.98 -35.83 -13.27
N GLU D 30 -30.82 -35.46 -13.84
CA GLU D 30 -29.61 -36.28 -13.69
C GLU D 30 -29.27 -36.51 -12.24
N HIS D 31 -29.32 -35.45 -11.42
CA HIS D 31 -29.04 -35.57 -9.99
C HIS D 31 -30.07 -36.47 -9.29
N ASN D 32 -31.36 -36.22 -9.56
CA ASN D 32 -32.43 -37.02 -8.93
C ASN D 32 -32.38 -38.48 -9.37
N LYS D 33 -31.77 -38.77 -10.51
CA LYS D 33 -31.55 -40.16 -10.89
C LYS D 33 -30.32 -40.76 -10.19
N LYS D 34 -29.16 -40.08 -10.24
CA LYS D 34 -27.94 -40.77 -9.83
C LYS D 34 -27.70 -40.76 -8.32
N GLU D 35 -27.97 -39.66 -7.61
CA GLU D 35 -27.53 -39.57 -6.22
C GLU D 35 -28.67 -39.63 -5.21
N ASN D 36 -29.85 -40.10 -5.64
CA ASN D 36 -31.09 -40.10 -4.87
C ASN D 36 -31.38 -38.71 -4.30
N ALA D 37 -31.58 -37.77 -5.22
CA ALA D 37 -31.70 -36.37 -4.88
C ALA D 37 -33.11 -35.89 -5.20
N LEU D 38 -33.46 -34.73 -4.64
CA LEU D 38 -34.75 -34.09 -4.91
C LEU D 38 -34.49 -32.59 -4.78
N LEU D 39 -34.23 -31.94 -5.91
CA LEU D 39 -33.92 -30.53 -5.97
C LEU D 39 -34.82 -29.87 -7.01
N GLU D 40 -35.29 -28.66 -6.69
CA GLU D 40 -36.22 -27.93 -7.54
C GLU D 40 -35.48 -26.74 -8.16
N PHE D 41 -34.80 -27.01 -9.27
CA PHE D 41 -34.18 -25.94 -10.05
C PHE D 41 -35.27 -25.13 -10.74
N VAL D 42 -35.34 -23.83 -10.41
CA VAL D 42 -36.46 -23.01 -10.90
C VAL D 42 -35.99 -21.85 -11.78
N ARG D 43 -34.75 -21.40 -11.60
CA ARG D 43 -34.30 -20.20 -12.28
C ARG D 43 -32.78 -20.18 -12.36
N VAL D 44 -32.26 -19.30 -13.21
CA VAL D 44 -30.83 -19.09 -13.40
C VAL D 44 -30.53 -17.62 -13.17
N VAL D 45 -29.62 -17.33 -12.24
CA VAL D 45 -29.10 -15.97 -12.11
C VAL D 45 -27.91 -15.77 -13.05
N LYS D 46 -26.99 -16.72 -13.08
CA LYS D 46 -25.77 -16.61 -13.86
C LYS D 46 -25.58 -17.87 -14.68
N ALA D 47 -25.26 -17.71 -15.97
CA ALA D 47 -24.91 -18.81 -16.85
C ALA D 47 -23.88 -18.31 -17.85
N LYS D 48 -22.61 -18.63 -17.61
CA LYS D 48 -21.55 -18.19 -18.50
C LYS D 48 -21.55 -19.01 -19.79
N GLU D 49 -21.12 -18.37 -20.87
CA GLU D 49 -20.93 -19.01 -22.16
C GLU D 49 -19.48 -18.81 -22.57
N GLN D 50 -18.85 -19.88 -23.03
CA GLN D 50 -17.44 -19.83 -23.42
C GLN D 50 -17.18 -20.93 -24.44
N ILE D 51 -16.70 -20.55 -25.62
CA ILE D 51 -16.38 -21.49 -26.69
C ILE D 51 -14.93 -21.92 -26.55
N ILE D 52 -14.63 -23.13 -27.00
CA ILE D 52 -13.28 -23.67 -26.93
C ILE D 52 -12.64 -23.62 -28.31
N ASP D 59 -17.74 -27.29 -29.89
CA ASP D 59 -18.02 -27.49 -28.47
C ASP D 59 -17.75 -26.23 -27.66
N THR D 60 -18.64 -25.92 -26.74
CA THR D 60 -18.51 -24.77 -25.84
C THR D 60 -18.44 -25.26 -24.40
N MET D 61 -17.90 -24.41 -23.53
CA MET D 61 -17.76 -24.74 -22.11
C MET D 61 -18.68 -23.82 -21.32
N TYR D 62 -19.91 -24.29 -21.08
CA TYR D 62 -20.89 -23.54 -20.31
C TYR D 62 -20.52 -23.57 -18.83
N TYR D 63 -20.82 -22.47 -18.13
CA TYR D 63 -20.68 -22.39 -16.68
C TYR D 63 -21.94 -21.75 -16.11
N LEU D 64 -22.81 -22.56 -15.55
CA LEU D 64 -24.09 -22.11 -15.02
C LEU D 64 -24.11 -22.30 -13.51
N THR D 65 -24.95 -21.53 -12.83
CA THR D 65 -25.28 -21.82 -11.44
C THR D 65 -26.76 -22.16 -11.36
N LEU D 66 -27.09 -23.17 -10.56
CA LEU D 66 -28.47 -23.61 -10.40
C LEU D 66 -28.86 -23.49 -8.94
N GLU D 67 -29.92 -22.72 -8.69
CA GLU D 67 -30.46 -22.52 -7.36
C GLU D 67 -31.69 -23.42 -7.22
N ALA D 68 -31.69 -24.25 -6.18
CA ALA D 68 -32.68 -25.31 -6.07
C ALA D 68 -33.17 -25.43 -4.63
N LYS D 69 -34.48 -25.69 -4.49
CA LYS D 69 -35.05 -25.98 -3.19
C LYS D 69 -34.61 -27.37 -2.72
N ASP D 70 -34.05 -27.44 -1.53
CA ASP D 70 -33.66 -28.71 -0.91
C ASP D 70 -34.66 -29.00 0.20
N GLY D 71 -35.76 -29.65 -0.16
CA GLY D 71 -36.88 -29.78 0.75
C GLY D 71 -37.58 -28.46 1.00
N GLY D 72 -37.52 -27.53 0.05
CA GLY D 72 -38.02 -26.19 0.22
C GLY D 72 -36.96 -25.16 0.54
N LYS D 73 -35.72 -25.59 0.80
CA LYS D 73 -34.66 -24.69 1.23
C LYS D 73 -33.69 -24.44 0.09
N LYS D 74 -33.44 -23.15 -0.18
CA LYS D 74 -32.65 -22.76 -1.33
C LYS D 74 -31.16 -22.93 -1.05
N LYS D 75 -30.39 -23.21 -2.10
CA LYS D 75 -28.95 -23.42 -2.01
C LYS D 75 -28.34 -23.15 -3.37
N LEU D 76 -27.29 -22.33 -3.40
CA LEU D 76 -26.62 -21.94 -4.64
C LEU D 76 -25.54 -22.95 -4.99
N TYR D 77 -25.73 -23.66 -6.11
CA TYR D 77 -24.79 -24.63 -6.63
C TYR D 77 -24.04 -24.02 -7.81
N GLU D 78 -23.28 -24.86 -8.51
CA GLU D 78 -22.61 -24.49 -9.75
C GLU D 78 -22.69 -25.66 -10.71
N ALA D 79 -23.13 -25.38 -11.93
CA ALA D 79 -23.26 -26.38 -12.98
C ALA D 79 -22.13 -26.24 -13.97
N LYS D 80 -21.59 -27.36 -14.43
CA LYS D 80 -20.49 -27.33 -15.39
C LYS D 80 -20.67 -28.54 -16.31
N VAL D 81 -21.23 -28.30 -17.49
CA VAL D 81 -21.59 -29.35 -18.44
C VAL D 81 -20.82 -29.13 -19.73
N TRP D 82 -20.09 -30.16 -20.17
CA TRP D 82 -19.45 -30.14 -21.48
C TRP D 82 -20.48 -30.53 -22.53
N VAL D 83 -20.88 -29.57 -23.36
CA VAL D 83 -21.89 -29.81 -24.37
C VAL D 83 -21.25 -30.23 -25.68
N GLY D 89 -30.49 -26.87 -31.98
CA GLY D 89 -30.01 -27.75 -33.03
C GLY D 89 -28.63 -28.33 -32.75
N LEU D 90 -27.60 -27.57 -33.10
CA LEU D 90 -26.22 -28.02 -32.86
C LEU D 90 -25.83 -27.91 -31.40
N ASN D 91 -26.50 -27.05 -30.63
CA ASN D 91 -26.22 -26.91 -29.21
C ASN D 91 -27.18 -27.70 -28.34
N LYS D 92 -28.24 -28.28 -28.91
CA LYS D 92 -29.14 -29.13 -28.16
C LYS D 92 -28.92 -30.61 -28.45
N TYR D 93 -28.70 -30.96 -29.73
CA TYR D 93 -28.48 -32.34 -30.13
C TYR D 93 -26.98 -32.65 -30.21
N ASN D 94 -26.30 -32.43 -29.08
CA ASN D 94 -24.88 -32.70 -28.97
C ASN D 94 -24.62 -33.68 -27.84
N PHE D 95 -23.35 -33.96 -27.58
CA PHE D 95 -22.95 -34.87 -26.52
C PHE D 95 -23.05 -34.11 -25.20
N LYS D 96 -23.84 -34.65 -24.27
CA LYS D 96 -24.32 -33.90 -23.10
C LYS D 96 -24.01 -34.68 -21.83
N GLU D 97 -23.09 -34.14 -21.01
CA GLU D 97 -22.78 -34.75 -19.72
C GLU D 97 -22.19 -33.72 -18.77
N LEU D 98 -22.72 -33.68 -17.55
CA LEU D 98 -22.17 -32.88 -16.47
C LEU D 98 -20.98 -33.60 -15.83
N GLN D 99 -20.03 -32.83 -15.33
CA GLN D 99 -18.89 -33.42 -14.64
C GLN D 99 -18.72 -32.96 -13.20
N GLU D 100 -18.96 -31.68 -12.89
CA GLU D 100 -18.85 -31.18 -11.53
C GLU D 100 -20.17 -30.59 -11.04
N PHE D 101 -20.43 -30.80 -9.75
CA PHE D 101 -21.63 -30.29 -9.08
C PHE D 101 -21.20 -29.63 -7.75
N LYS D 102 -20.23 -28.74 -7.83
CA LYS D 102 -19.67 -28.12 -6.64
C LYS D 102 -20.60 -27.02 -6.12
N PRO D 103 -20.97 -27.06 -4.85
CA PRO D 103 -21.82 -26.00 -4.28
C PRO D 103 -21.01 -24.84 -3.74
N VAL D 104 -21.69 -23.71 -3.58
CA VAL D 104 -21.08 -22.46 -3.13
C VAL D 104 -21.31 -22.32 -1.63
N GLY D 105 -20.23 -22.47 -0.85
CA GLY D 105 -20.31 -22.37 0.59
C GLY D 105 -20.01 -23.65 1.34
N ASP D 106 -18.80 -23.76 1.88
CA ASP D 106 -18.41 -24.89 2.72
C ASP D 106 -18.78 -24.68 4.18
N ALA D 107 -19.15 -23.46 4.56
CA ALA D 107 -19.50 -23.15 5.94
C ALA D 107 -20.91 -23.65 6.23
N GLY D 108 -21.00 -24.96 6.44
CA GLY D 108 -22.27 -25.61 6.70
C GLY D 108 -22.20 -26.53 7.91
N GLY D 109 -21.41 -26.14 8.91
CA GLY D 109 -21.26 -26.96 10.09
C GLY D 109 -20.46 -28.22 9.85
N ARG D 110 -19.60 -28.22 8.83
CA ARG D 110 -18.78 -29.39 8.53
C ARG D 110 -17.70 -29.62 9.56
N MET D 111 -17.35 -28.59 10.33
CA MET D 111 -16.68 -28.75 11.62
C MET D 111 -17.55 -28.06 12.65
N ASP D 112 -17.93 -28.79 13.70
CA ASP D 112 -18.66 -28.17 14.80
C ASP D 112 -17.62 -27.67 15.77
N ILE D 113 -17.15 -26.45 15.54
CA ILE D 113 -16.20 -25.81 16.42
C ILE D 113 -16.98 -24.92 17.37
N ASP D 114 -16.64 -24.98 18.61
CA ASP D 114 -17.18 -24.12 19.62
C ASP D 114 -16.18 -23.03 19.92
N PRO D 115 -16.58 -21.75 19.94
CA PRO D 115 -15.64 -20.68 20.26
C PRO D 115 -15.12 -20.75 21.67
N TYR D 116 -15.86 -21.37 22.58
CA TYR D 116 -15.49 -21.42 23.98
C TYR D 116 -15.29 -22.84 24.47
N LYS D 117 -14.95 -23.80 23.60
CA LYS D 117 -14.74 -25.17 24.09
C LYS D 117 -13.43 -25.29 24.84
N GLU D 118 -12.38 -24.70 24.27
CA GLU D 118 -11.22 -24.28 25.06
C GLU D 118 -11.64 -23.20 26.05
N PHE D 119 -10.75 -22.87 26.98
CA PHE D 119 -10.96 -21.92 28.08
C PHE D 119 -12.00 -22.37 29.11
N GLY D 120 -12.70 -23.48 28.89
CA GLY D 120 -13.53 -24.09 29.90
C GLY D 120 -15.03 -24.01 29.64
N ALA D 121 -15.50 -23.01 28.91
CA ALA D 121 -16.93 -22.77 28.82
C ALA D 121 -17.59 -23.70 27.80
N THR D 122 -18.84 -23.41 27.46
CA THR D 122 -19.47 -23.90 26.24
C THR D 122 -20.26 -22.74 25.65
N VAL D 123 -21.01 -23.01 24.60
CA VAL D 123 -21.94 -22.00 24.10
C VAL D 123 -23.16 -21.90 24.99
N GLU D 124 -23.71 -23.04 25.41
CA GLU D 124 -24.91 -23.01 26.22
C GLU D 124 -24.65 -22.66 27.67
N LEU D 125 -23.40 -22.66 28.10
CA LEU D 125 -23.06 -22.02 29.36
C LEU D 125 -23.12 -20.51 29.23
N LEU D 126 -22.85 -19.98 28.05
CA LEU D 126 -22.95 -18.56 27.77
C LEU D 126 -24.35 -18.16 27.37
N SER D 127 -25.32 -19.06 27.47
CA SER D 127 -26.72 -18.71 27.32
C SER D 127 -27.41 -18.60 28.67
N PHE D 128 -26.64 -18.70 29.76
CA PHE D 128 -27.19 -18.39 31.07
C PHE D 128 -27.48 -16.91 31.19
N LEU D 129 -26.55 -16.09 30.74
CA LEU D 129 -26.78 -14.67 30.59
C LEU D 129 -27.83 -14.44 29.51
N PRO D 130 -28.74 -13.48 29.69
CA PRO D 130 -29.70 -13.19 28.63
C PRO D 130 -29.08 -12.50 27.43
N SER D 131 -29.87 -12.25 26.39
CA SER D 131 -29.31 -11.69 25.17
C SER D 131 -28.88 -10.24 25.36
N ASP D 132 -29.74 -9.42 25.94
CA ASP D 132 -29.39 -8.02 26.17
C ASP D 132 -28.79 -7.79 27.54
N PHE D 133 -27.86 -8.65 27.92
CA PHE D 133 -27.05 -8.46 29.10
C PHE D 133 -25.69 -7.89 28.74
N PHE D 134 -25.27 -8.11 27.55
CA PHE D 134 -23.94 -7.78 27.12
C PHE D 134 -23.85 -6.31 26.78
N PRO D 135 -22.70 -5.69 27.01
CA PRO D 135 -22.51 -4.28 26.65
C PRO D 135 -22.54 -4.05 25.15
N SER D 136 -22.41 -2.81 24.71
CA SER D 136 -22.34 -2.58 23.28
C SER D 136 -20.98 -3.01 22.74
N VAL D 137 -20.84 -2.97 21.42
CA VAL D 137 -19.54 -3.29 20.87
C VAL D 137 -18.57 -2.14 21.10
N ARG D 138 -19.08 -0.92 21.16
CA ARG D 138 -18.25 0.25 21.43
C ARG D 138 -17.72 0.22 22.86
N ASP D 139 -18.56 -0.18 23.82
CA ASP D 139 -18.12 -0.19 25.22
C ASP D 139 -17.13 -1.29 25.48
N LEU D 140 -17.32 -2.44 24.85
CA LEU D 140 -16.36 -3.53 24.99
C LEU D 140 -15.06 -3.23 24.27
N LEU D 141 -15.11 -2.55 23.14
CA LEU D 141 -13.87 -2.22 22.46
C LEU D 141 -13.12 -1.10 23.18
N ASP D 142 -13.84 -0.16 23.81
CA ASP D 142 -13.19 0.82 24.69
C ASP D 142 -12.58 0.15 25.90
N THR D 143 -13.20 -0.91 26.42
CA THR D 143 -12.62 -1.65 27.53
C THR D 143 -11.33 -2.34 27.13
N ALA D 144 -11.34 -2.99 25.96
CA ALA D 144 -10.18 -3.73 25.50
C ALA D 144 -9.02 -2.79 25.19
N SER D 145 -9.30 -1.68 24.49
CA SER D 145 -8.27 -0.69 24.22
C SER D 145 -7.91 0.13 25.45
N ALA D 146 -8.74 0.10 26.49
CA ALA D 146 -8.35 0.70 27.76
C ALA D 146 -7.28 -0.13 28.44
N LEU D 147 -7.61 -1.38 28.77
CA LEU D 147 -6.73 -2.13 29.64
C LEU D 147 -5.68 -2.94 28.91
N TYR D 148 -5.89 -3.29 27.63
CA TYR D 148 -5.04 -4.28 26.98
C TYR D 148 -4.50 -3.86 25.63
N ARG D 149 -4.49 -2.56 25.31
CA ARG D 149 -4.02 -2.11 24.00
C ARG D 149 -2.54 -2.40 23.78
N GLU D 150 -1.74 -2.37 24.84
CA GLU D 150 -0.32 -2.67 24.71
C GLU D 150 -0.09 -4.15 24.46
N ALA D 151 -0.89 -5.01 25.10
CA ALA D 151 -0.69 -6.44 24.98
C ALA D 151 -1.35 -7.04 23.75
N LEU D 152 -2.41 -6.41 23.24
CA LEU D 152 -3.00 -6.89 22.01
C LEU D 152 -2.09 -6.60 20.82
N GLU D 153 -1.76 -5.33 20.60
CA GLU D 153 -0.83 -4.93 19.55
C GLU D 153 0.59 -5.21 20.05
N SER D 154 1.05 -6.44 19.84
CA SER D 154 2.30 -6.83 20.45
C SER D 154 2.84 -8.02 19.68
N PRO D 155 4.16 -8.15 19.52
CA PRO D 155 4.70 -9.28 18.77
C PRO D 155 4.88 -10.52 19.60
N GLU D 156 3.89 -10.89 20.41
CA GLU D 156 3.93 -12.13 21.17
C GLU D 156 2.51 -12.51 21.53
N HIS D 157 2.22 -13.80 21.44
CA HIS D 157 0.98 -14.29 22.03
C HIS D 157 1.16 -14.31 23.54
N CYS D 158 0.47 -13.40 24.22
CA CYS D 158 0.61 -13.33 25.67
C CYS D 158 -0.17 -14.45 26.33
N SER D 159 -1.41 -14.64 25.92
CA SER D 159 -2.29 -15.65 26.49
C SER D 159 -3.34 -15.96 25.43
N PRO D 160 -3.99 -17.13 25.50
CA PRO D 160 -4.98 -17.50 24.49
C PRO D 160 -6.16 -16.55 24.35
N HIS D 161 -6.51 -15.81 25.39
CA HIS D 161 -7.57 -14.82 25.26
C HIS D 161 -7.14 -13.66 24.38
N HIS D 162 -5.84 -13.38 24.31
CA HIS D 162 -5.38 -12.36 23.38
C HIS D 162 -5.43 -12.85 21.95
N THR D 163 -5.03 -14.10 21.72
CA THR D 163 -5.07 -14.69 20.38
C THR D 163 -6.49 -14.81 19.87
N ALA D 164 -7.45 -15.02 20.77
CA ALA D 164 -8.85 -15.00 20.36
C ALA D 164 -9.38 -13.58 20.23
N LEU D 165 -8.91 -12.66 21.06
CA LEU D 165 -9.43 -11.30 21.07
C LEU D 165 -8.96 -10.50 19.86
N ARG D 166 -7.74 -10.77 19.38
CA ARG D 166 -7.25 -10.11 18.16
C ARG D 166 -8.11 -10.50 16.96
N GLN D 167 -8.38 -11.79 16.80
CA GLN D 167 -9.24 -12.26 15.73
C GLN D 167 -10.66 -11.75 15.86
N ALA D 168 -11.16 -11.59 17.10
CA ALA D 168 -12.51 -11.05 17.28
C ALA D 168 -12.58 -9.59 16.85
N ILE D 169 -11.55 -8.80 17.18
CA ILE D 169 -11.55 -7.39 16.80
C ILE D 169 -11.43 -7.23 15.29
N LEU D 170 -10.56 -8.02 14.65
CA LEU D 170 -10.40 -7.90 13.20
C LEU D 170 -11.61 -8.43 12.46
N ALA D 171 -12.28 -9.45 13.00
CA ALA D 171 -13.53 -9.93 12.42
C ALA D 171 -14.59 -8.85 12.48
N TRP D 172 -14.72 -8.17 13.61
CA TRP D 172 -15.68 -7.07 13.67
C TRP D 172 -15.29 -5.92 12.76
N GLY D 173 -13.99 -5.70 12.56
CA GLY D 173 -13.53 -4.66 11.66
C GLY D 173 -13.96 -4.92 10.22
N GLU D 174 -13.72 -6.14 9.73
CA GLU D 174 -14.11 -6.45 8.36
C GLU D 174 -15.62 -6.55 8.21
N LEU D 175 -16.35 -6.92 9.27
CA LEU D 175 -17.81 -6.82 9.22
C LEU D 175 -18.29 -5.39 9.10
N MET D 176 -17.62 -4.46 9.77
CA MET D 176 -18.06 -3.07 9.66
C MET D 176 -17.64 -2.44 8.34
N THR D 177 -16.53 -2.88 7.73
CA THR D 177 -16.24 -2.40 6.38
C THR D 177 -17.22 -2.97 5.36
N LEU D 178 -17.70 -4.19 5.57
CA LEU D 178 -18.79 -4.66 4.71
C LEU D 178 -20.07 -3.86 4.95
N ALA D 179 -20.34 -3.47 6.20
CA ALA D 179 -21.51 -2.67 6.50
C ALA D 179 -21.45 -1.30 5.84
N THR D 180 -20.30 -0.64 5.87
CA THR D 180 -20.19 0.62 5.16
C THR D 180 -20.10 0.44 3.65
N TRP D 181 -19.69 -0.74 3.17
CA TRP D 181 -19.77 -1.04 1.75
C TRP D 181 -21.22 -1.08 1.28
N VAL D 182 -22.04 -1.85 1.96
CA VAL D 182 -23.43 -1.98 1.53
C VAL D 182 -24.23 -0.72 1.88
N GLY D 183 -23.76 0.07 2.84
CA GLY D 183 -24.40 1.35 3.08
C GLY D 183 -24.03 2.43 2.07
N ASN D 184 -22.81 2.39 1.54
CA ASN D 184 -22.40 3.38 0.55
C ASN D 184 -23.07 3.12 -0.79
N ASN D 185 -23.17 1.86 -1.19
CA ASN D 185 -23.76 1.52 -2.48
C ASN D 185 -25.25 1.28 -2.32
N PRO D 194 -31.23 -2.43 -3.53
CA PRO D 194 -31.82 -1.22 -4.10
C PRO D 194 -31.62 0.01 -3.22
N ALA D 195 -32.73 0.65 -2.83
CA ALA D 195 -32.67 1.80 -1.93
C ALA D 195 -32.99 1.44 -0.49
N SER D 196 -33.61 0.30 -0.25
CA SER D 196 -33.93 -0.18 1.10
C SER D 196 -32.91 -1.20 1.59
N ARG D 197 -31.64 -0.99 1.27
CA ARG D 197 -30.56 -1.86 1.71
C ARG D 197 -29.97 -1.43 3.05
N ASP D 198 -30.79 -0.84 3.91
CA ASP D 198 -30.45 -0.60 5.31
C ASP D 198 -30.82 -1.78 6.20
N LEU D 199 -31.66 -2.68 5.71
CA LEU D 199 -32.08 -3.84 6.50
C LEU D 199 -30.92 -4.80 6.72
N VAL D 200 -30.05 -4.96 5.72
CA VAL D 200 -28.86 -5.78 5.87
C VAL D 200 -27.89 -5.12 6.85
N VAL D 201 -27.86 -3.78 6.89
CA VAL D 201 -27.02 -3.08 7.86
C VAL D 201 -27.56 -3.28 9.28
N ASN D 202 -28.87 -3.28 9.43
CA ASN D 202 -29.46 -3.60 10.73
C ASN D 202 -29.20 -5.05 11.12
N TYR D 203 -29.22 -5.95 10.13
CA TYR D 203 -28.98 -7.36 10.39
C TYR D 203 -27.55 -7.61 10.86
N VAL D 204 -26.57 -6.95 10.24
CA VAL D 204 -25.21 -7.15 10.72
C VAL D 204 -25.00 -6.41 12.03
N ASN D 205 -25.66 -5.27 12.24
CA ASN D 205 -25.48 -4.52 13.47
C ASN D 205 -26.13 -5.18 14.67
N THR D 206 -27.05 -6.12 14.46
CA THR D 206 -27.64 -6.85 15.58
C THR D 206 -27.23 -8.31 15.65
N ASN D 207 -27.44 -9.10 14.58
CA ASN D 207 -27.43 -10.55 14.70
C ASN D 207 -26.01 -11.12 14.78
N MET D 208 -25.06 -10.53 14.07
CA MET D 208 -23.66 -10.89 14.25
C MET D 208 -23.01 -10.08 15.35
N GLY D 209 -23.57 -8.90 15.61
CA GLY D 209 -23.10 -8.09 16.71
C GLY D 209 -23.31 -8.74 18.06
N LEU D 210 -24.36 -9.55 18.18
CA LEU D 210 -24.58 -10.27 19.43
C LEU D 210 -23.49 -11.31 19.68
N LYS D 211 -23.12 -12.06 18.63
CA LYS D 211 -22.07 -13.05 18.78
C LYS D 211 -20.72 -12.41 19.07
N ILE D 212 -20.45 -11.28 18.43
CA ILE D 212 -19.18 -10.61 18.73
C ILE D 212 -19.23 -9.95 20.10
N ARG D 213 -20.40 -9.58 20.61
CA ARG D 213 -20.48 -9.00 21.94
C ARG D 213 -20.22 -10.05 23.01
N GLN D 214 -20.77 -11.25 22.82
CA GLN D 214 -20.47 -12.35 23.73
C GLN D 214 -19.01 -12.73 23.68
N LEU D 215 -18.44 -12.79 22.47
CA LEU D 215 -17.06 -13.21 22.32
C LEU D 215 -16.08 -12.15 22.80
N LEU D 216 -16.46 -10.88 22.78
CA LEU D 216 -15.61 -9.86 23.36
C LEU D 216 -15.75 -9.81 24.88
N TRP D 217 -16.99 -9.91 25.37
CA TRP D 217 -17.27 -9.89 26.80
C TRP D 217 -16.54 -11.01 27.51
N PHE D 218 -16.57 -12.22 26.94
CA PHE D 218 -15.99 -13.38 27.59
C PHE D 218 -14.49 -13.25 27.71
N HIS D 219 -13.83 -12.74 26.68
CA HIS D 219 -12.38 -12.70 26.70
C HIS D 219 -11.85 -11.53 27.50
N ILE D 220 -12.52 -10.37 27.44
CA ILE D 220 -12.15 -9.25 28.29
C ILE D 220 -12.36 -9.60 29.76
N SER D 221 -13.45 -10.29 30.07
CA SER D 221 -13.73 -10.64 31.45
C SER D 221 -12.79 -11.73 31.97
N CYS D 222 -12.42 -12.69 31.13
CA CYS D 222 -11.44 -13.68 31.57
C CYS D 222 -10.05 -13.07 31.71
N LEU D 223 -9.75 -12.03 30.95
CA LEU D 223 -8.45 -11.37 31.13
C LEU D 223 -8.43 -10.57 32.43
N THR D 224 -9.50 -9.83 32.69
CA THR D 224 -9.55 -8.96 33.86
C THR D 224 -9.67 -9.76 35.14
N PHE D 225 -10.68 -10.60 35.25
CA PHE D 225 -11.08 -11.19 36.51
C PHE D 225 -10.58 -12.61 36.73
N GLY D 226 -9.94 -13.21 35.75
CA GLY D 226 -9.51 -14.58 35.94
C GLY D 226 -10.52 -15.53 35.33
N ARG D 227 -10.01 -16.69 34.89
CA ARG D 227 -10.85 -17.59 34.12
C ARG D 227 -11.80 -18.38 35.00
N GLU D 228 -11.37 -18.76 36.21
CA GLU D 228 -12.25 -19.48 37.11
C GLU D 228 -13.36 -18.59 37.62
N THR D 229 -13.08 -17.32 37.81
CA THR D 229 -14.08 -16.37 38.31
C THR D 229 -15.18 -16.16 37.31
N VAL D 230 -14.86 -16.07 36.02
CA VAL D 230 -15.90 -15.89 35.02
C VAL D 230 -16.71 -17.15 34.88
N LEU D 231 -16.07 -18.30 35.03
CA LEU D 231 -16.78 -19.56 34.84
C LEU D 231 -17.70 -19.87 36.01
N GLU D 232 -17.37 -19.44 37.22
CA GLU D 232 -18.31 -19.62 38.32
C GLU D 232 -19.30 -18.47 38.45
N TYR D 233 -18.95 -17.28 37.95
CA TYR D 233 -19.93 -16.21 37.85
C TYR D 233 -21.01 -16.56 36.85
N LEU D 234 -20.69 -17.33 35.81
CA LEU D 234 -21.70 -17.72 34.85
C LEU D 234 -22.72 -18.66 35.47
N VAL D 235 -22.26 -19.55 36.35
CA VAL D 235 -23.19 -20.43 37.06
C VAL D 235 -24.01 -19.65 38.08
N SER D 236 -23.38 -18.71 38.79
CA SER D 236 -24.11 -17.95 39.81
C SER D 236 -25.13 -17.02 39.18
N PHE D 237 -24.80 -16.39 38.06
CA PHE D 237 -25.80 -15.61 37.35
C PHE D 237 -26.85 -16.52 36.72
N GLY D 238 -26.48 -17.75 36.37
CA GLY D 238 -27.46 -18.72 35.94
C GLY D 238 -28.50 -18.97 37.00
N VAL D 239 -28.06 -19.29 38.22
CA VAL D 239 -28.93 -19.51 39.37
C VAL D 239 -29.80 -18.29 39.65
N TRP D 240 -29.22 -17.09 39.56
CA TRP D 240 -29.96 -15.87 39.83
C TRP D 240 -31.04 -15.63 38.79
N ILE D 241 -30.77 -15.88 37.52
CA ILE D 241 -31.76 -15.67 36.48
C ILE D 241 -32.74 -16.84 36.36
N ARG D 242 -32.46 -17.98 36.98
CA ARG D 242 -33.44 -19.08 37.00
C ARG D 242 -34.65 -18.71 37.83
N THR D 243 -34.42 -18.14 39.03
CA THR D 243 -35.48 -17.99 40.02
C THR D 243 -36.50 -16.97 39.57
N PRO D 244 -37.77 -17.18 39.89
CA PRO D 244 -38.83 -16.26 39.46
C PRO D 244 -38.68 -14.90 40.11
N PRO D 245 -39.32 -13.86 39.57
CA PRO D 245 -39.10 -12.50 40.09
C PRO D 245 -39.52 -12.28 41.52
N ALA D 246 -40.47 -13.07 42.02
CA ALA D 246 -40.95 -12.92 43.38
C ALA D 246 -39.92 -13.36 44.42
N TYR D 247 -38.97 -14.21 44.05
CA TYR D 247 -38.01 -14.74 45.00
C TYR D 247 -36.58 -14.38 44.66
N ARG D 248 -36.38 -13.54 43.67
CA ARG D 248 -35.04 -13.18 43.21
C ARG D 248 -34.48 -12.08 44.11
N PRO D 249 -33.25 -12.23 44.61
CA PRO D 249 -32.65 -11.16 45.38
C PRO D 249 -32.36 -9.97 44.51
N PRO D 250 -32.42 -8.74 45.05
CA PRO D 250 -32.42 -7.56 44.19
C PRO D 250 -31.07 -7.19 43.64
N ASN D 251 -29.98 -7.71 44.17
CA ASN D 251 -28.67 -7.43 43.62
C ASN D 251 -28.16 -8.67 42.92
N ALA D 252 -28.10 -8.59 41.59
CA ALA D 252 -27.54 -9.63 40.75
C ALA D 252 -26.07 -9.86 41.08
N PRO D 253 -25.53 -11.03 40.78
CA PRO D 253 -24.08 -11.19 40.91
C PRO D 253 -23.38 -10.35 39.86
N ILE D 254 -22.20 -9.87 40.22
CA ILE D 254 -21.47 -8.96 39.36
C ILE D 254 -19.99 -9.26 39.50
N LEU D 255 -19.23 -8.93 38.48
CA LEU D 255 -17.80 -9.14 38.49
C LEU D 255 -17.16 -7.89 39.06
N SER D 256 -16.37 -8.06 40.12
CA SER D 256 -15.70 -6.94 40.75
C SER D 256 -14.47 -7.47 41.47
N THR D 257 -13.62 -6.53 41.87
CA THR D 257 -12.39 -6.85 42.57
C THR D 257 -12.31 -6.09 43.90
N LEU D 258 -13.45 -5.76 44.47
CA LEU D 258 -13.49 -4.91 45.65
C LEU D 258 -14.15 -5.60 46.83
#